data_6UP4
#
_entry.id   6UP4
#
_cell.length_a   66.160
_cell.length_b   115.930
_cell.length_c   132.570
_cell.angle_alpha   90.000
_cell.angle_beta   90.000
_cell.angle_gamma   90.000
#
_symmetry.space_group_name_H-M   'P 21 21 21'
#
loop_
_entity.id
_entity.type
_entity.pdbx_description
1 polymer 'Dhx36 protein'
2 non-polymer "ADENOSINE-5'-DIPHOSPHATE"
3 non-polymer 'MAGNESIUM ION'
4 water water
#
_entity_poly.entity_id   1
_entity_poly.type   'polypeptide(L)'
_entity_poly.pdbx_seq_one_letter_code
;KSYIDRDTEYLLQENEPNLSLDQHLLEDLQRKKTDPRYIEMQRFRKKLPSYGMQKELVNLINNHQVTVISGETGCGKTTQ
VTQFILDNYIERGKGSACRIVCTQPRRISAISVAERVATERAESCGNGNSTGYQIRLQSRLPRKQGSILYCTTGIILQWL
QSDSRLSSVSHIVLDEIHERNLQSDVLMTVIKDLLHFRSDLKVILMSATLNAEKFSEYFGNCPMIHIPGFTFPVVEYLLE
DIIEKIRYVPDQKEHRSQFKRGFMQGHVNRQEKEEKEAIYKERWPAYIKELRTRYSASTVDVLQMMDDDKVDLNLIAALI
RYIVLEEEDGAILVFLPGWDNISTLHDLLMSQVMFKSDKFLIIPLHSLMPTVNQTQVFKKTPPGVRKIVIATNIAETSIT
IDDVVYVIDGGKIKETHFDTQNNISTMSAEWVSKANAKQRKGRAGRVQPGHCYHLYNGLRASLLDDYQLPEILRTPLEEL
CLQIKILRLGGIAYFLSRLMDPPSNEAVVLSIKHLMELSALDKQEELTPLGVHLARLPVEPHIGKMILFGALFCCLDPVL
TIAASLSFKDPFVIPLGKEKIADARRKELAKETRSDHLTVVNAFEGWEEAKRRGFRYEKDYCWEYFLSSNTLQMLHNMKG
QFAEHLLGAGFVSSRSPKDPKANINSDNEKIIKAVICAGLYPKVAKIRLNLGKKRKMVKVHTKSDGLVSIHPKSVNVEQT
DFHYNWLIYHLKMRTSSIYLYDCTEVSPYCLLFFGGDISIQKDKDQEIIAVDEWIVFQSPERIAHLVKGLRKELDSLLQE
KIESPHPVDWDDTKSRDCAVLSAILDLIKT
;
_entity_poly.pdbx_strand_id   A
#
# COMPACT_ATOMS: atom_id res chain seq x y z
N LYS A 1 26.01 -10.79 8.79
CA LYS A 1 25.21 -10.08 9.79
C LYS A 1 23.71 -10.47 9.72
N SER A 2 23.25 -11.07 10.81
CA SER A 2 22.00 -11.82 10.82
C SER A 2 20.77 -10.91 10.64
N TYR A 3 19.69 -11.49 10.08
CA TYR A 3 18.53 -10.68 9.69
C TYR A 3 17.88 -10.01 10.89
N ILE A 4 17.89 -10.65 12.06
CA ILE A 4 17.18 -10.13 13.23
C ILE A 4 17.97 -8.96 13.83
N ASP A 5 19.08 -8.56 13.18
CA ASP A 5 19.88 -7.48 13.73
C ASP A 5 20.26 -6.37 12.73
N ARG A 6 19.59 -6.26 11.59
CA ARG A 6 20.06 -5.36 10.52
C ARG A 6 20.03 -3.89 10.96
N ASP A 7 18.84 -3.40 11.33
CA ASP A 7 18.66 -2.01 11.69
C ASP A 7 18.44 -1.85 13.18
N THR A 8 19.12 -2.67 13.98
CA THR A 8 18.97 -2.67 15.42
C THR A 8 19.92 -1.70 16.13
N GLU A 9 20.65 -0.87 15.39
CA GLU A 9 21.83 -0.29 16.00
C GLU A 9 21.46 0.76 17.04
N TYR A 10 20.44 1.56 16.75
CA TYR A 10 20.02 2.56 17.73
C TYR A 10 19.40 1.89 18.96
N LEU A 11 18.55 0.88 18.75
CA LEU A 11 17.85 0.27 19.86
C LEU A 11 18.79 -0.41 20.84
N LEU A 12 19.86 -1.03 20.34
CA LEU A 12 20.73 -1.86 21.17
C LEU A 12 21.75 -1.06 21.97
N GLN A 13 21.89 0.25 21.71
CA GLN A 13 22.66 1.09 22.62
C GLN A 13 21.96 1.14 23.98
N GLU A 14 22.74 1.38 25.03
CA GLU A 14 22.18 1.41 26.37
C GLU A 14 21.93 2.85 26.78
N ASN A 15 20.82 3.08 27.47
CA ASN A 15 20.48 4.42 27.93
C ASN A 15 21.22 4.70 29.23
N GLU A 16 22.32 5.43 29.15
CA GLU A 16 23.14 5.79 30.31
C GLU A 16 23.37 7.29 30.34
N PRO A 17 22.71 8.02 31.24
CA PRO A 17 22.86 9.49 31.28
C PRO A 17 24.23 10.00 31.73
N ASN A 18 25.20 9.98 30.82
CA ASN A 18 26.51 10.60 31.02
C ASN A 18 26.37 12.06 31.43
N LEU A 19 26.88 12.41 32.61
CA LEU A 19 26.65 13.72 33.21
C LEU A 19 27.42 14.84 32.51
N SER A 20 28.46 14.50 31.74
CA SER A 20 29.19 15.53 31.01
C SER A 20 28.59 15.79 29.63
N LEU A 21 28.00 14.78 28.98
CA LEU A 21 27.13 15.08 27.84
C LEU A 21 25.92 15.90 28.29
N ASP A 22 25.40 15.61 29.48
CA ASP A 22 24.35 16.43 30.08
C ASP A 22 24.72 17.91 30.01
N GLN A 23 25.96 18.24 30.36
CA GLN A 23 26.43 19.61 30.41
C GLN A 23 26.83 20.13 29.05
N HIS A 24 27.33 19.25 28.20
CA HIS A 24 27.70 19.65 26.84
C HIS A 24 26.49 20.11 26.03
N LEU A 25 25.39 19.34 26.07
CA LEU A 25 24.21 19.74 25.32
C LEU A 25 23.56 20.99 25.90
N LEU A 26 23.70 21.21 27.21
CA LEU A 26 23.25 22.46 27.81
C LEU A 26 24.12 23.62 27.34
N GLU A 27 25.45 23.43 27.32
CA GLU A 27 26.33 24.47 26.80
C GLU A 27 25.98 24.79 25.35
N ASP A 28 25.53 23.79 24.60
CA ASP A 28 25.29 24.00 23.17
C ASP A 28 23.97 24.71 22.89
N LEU A 29 22.97 24.53 23.74
CA LEU A 29 21.67 25.16 23.49
C LEU A 29 21.80 26.67 23.43
N GLN A 30 22.50 27.28 24.39
CA GLN A 30 22.65 28.74 24.39
C GLN A 30 23.70 29.22 23.39
N ARG A 31 24.62 28.36 22.97
CA ARG A 31 25.48 28.71 21.85
C ARG A 31 24.68 28.75 20.55
N LYS A 32 23.73 27.82 20.38
CA LYS A 32 22.82 27.85 19.23
C LYS A 32 22.00 29.14 19.21
N LYS A 33 21.67 29.68 20.38
CA LYS A 33 20.88 30.90 20.51
C LYS A 33 21.62 32.13 19.98
N THR A 34 22.89 31.98 19.60
CA THR A 34 23.57 33.08 18.94
C THR A 34 23.72 32.87 17.44
N ASP A 35 23.54 31.65 16.93
CA ASP A 35 23.70 31.44 15.49
C ASP A 35 22.50 32.00 14.75
N PRO A 36 22.69 32.92 13.80
CA PRO A 36 21.55 33.46 13.05
C PRO A 36 20.71 32.40 12.37
N ARG A 37 21.32 31.34 11.85
CA ARG A 37 20.56 30.25 11.28
C ARG A 37 19.52 29.74 12.28
N TYR A 38 19.95 29.55 13.53
CA TYR A 38 19.05 28.99 14.55
C TYR A 38 17.97 29.98 14.94
N ILE A 39 18.35 31.23 15.22
CA ILE A 39 17.35 32.23 15.61
C ILE A 39 16.38 32.51 14.47
N GLU A 40 16.81 32.32 13.22
CA GLU A 40 15.93 32.54 12.08
C GLU A 40 14.85 31.45 11.99
N MET A 41 15.24 30.20 12.24
CA MET A 41 14.25 29.13 12.27
C MET A 41 13.44 29.18 13.56
N GLN A 42 14.02 29.68 14.64
CA GLN A 42 13.23 29.90 15.85
C GLN A 42 12.14 30.95 15.63
N ARG A 43 12.29 31.85 14.65
CA ARG A 43 11.20 32.78 14.39
C ARG A 43 10.01 32.06 13.76
N PHE A 44 10.28 31.20 12.77
CA PHE A 44 9.21 30.43 12.14
C PHE A 44 8.50 29.55 13.18
N ARG A 45 9.26 29.01 14.12
CA ARG A 45 8.70 28.07 15.09
C ARG A 45 7.70 28.74 16.02
N LYS A 46 8.00 29.96 16.48
CA LYS A 46 7.14 30.63 17.47
C LYS A 46 5.80 31.06 16.90
N LYS A 47 5.67 31.14 15.58
CA LYS A 47 4.38 31.50 15.00
C LYS A 47 3.49 30.29 14.75
N LEU A 48 3.92 29.08 15.15
CA LEU A 48 3.06 27.89 15.09
C LEU A 48 2.21 27.77 16.35
N PRO A 49 0.95 27.37 16.22
CA PRO A 49 0.08 27.23 17.40
C PRO A 49 0.67 26.33 18.49
N SER A 50 1.40 25.29 18.10
CA SER A 50 2.03 24.39 19.07
C SER A 50 2.99 25.13 19.99
N TYR A 51 3.72 26.11 19.45
CA TYR A 51 4.67 26.83 20.28
C TYR A 51 3.99 27.46 21.49
N GLY A 52 2.79 28.03 21.28
CA GLY A 52 2.06 28.63 22.39
C GLY A 52 1.71 27.65 23.48
N MET A 53 1.65 26.36 23.14
CA MET A 53 1.32 25.31 24.07
C MET A 53 2.53 24.67 24.73
N GLN A 54 3.75 25.12 24.39
CA GLN A 54 4.94 24.30 24.61
C GLN A 54 5.06 23.82 26.05
N LYS A 55 5.11 24.73 27.00
CA LYS A 55 5.37 24.28 28.35
C LYS A 55 4.13 23.71 29.02
N GLU A 56 2.96 23.81 28.37
CA GLU A 56 1.79 23.07 28.83
C GLU A 56 1.81 21.62 28.34
N LEU A 57 2.39 21.36 27.16
CA LEU A 57 2.48 19.99 26.66
C LEU A 57 3.58 19.21 27.37
N VAL A 58 4.75 19.84 27.57
CA VAL A 58 5.83 19.09 28.21
C VAL A 58 5.46 18.73 29.63
N ASN A 59 4.67 19.58 30.29
CA ASN A 59 4.29 19.26 31.67
C ASN A 59 3.30 18.12 31.70
N LEU A 60 2.42 18.06 30.71
CA LEU A 60 1.49 16.93 30.65
C LEU A 60 2.24 15.63 30.39
N ILE A 61 3.15 15.66 29.40
CA ILE A 61 3.99 14.49 29.11
C ILE A 61 4.81 14.11 30.34
N ASN A 62 5.43 15.11 30.99
CA ASN A 62 6.30 14.81 32.11
C ASN A 62 5.55 14.17 33.26
N ASN A 63 4.24 14.43 33.38
CA ASN A 63 3.46 14.04 34.53
C ASN A 63 2.65 12.77 34.32
N HIS A 64 2.47 12.33 33.09
CA HIS A 64 1.70 11.13 32.85
C HIS A 64 2.44 10.21 31.90
N GLN A 65 2.07 8.94 31.95
CA GLN A 65 2.75 7.93 31.17
C GLN A 65 2.27 7.91 29.73
N VAL A 66 0.95 8.01 29.54
CA VAL A 66 0.32 7.96 28.23
C VAL A 66 -0.45 9.25 28.04
N THR A 67 -0.26 9.88 26.89
CA THR A 67 -0.82 11.17 26.53
C THR A 67 -1.35 11.10 25.11
N VAL A 68 -2.48 11.76 24.85
CA VAL A 68 -3.00 11.95 23.51
C VAL A 68 -2.88 13.43 23.18
N ILE A 69 -2.30 13.75 22.03
CA ILE A 69 -2.18 15.13 21.57
C ILE A 69 -3.00 15.30 20.31
N SER A 70 -4.00 16.19 20.40
CA SER A 70 -4.93 16.46 19.32
C SER A 70 -4.56 17.76 18.61
N GLY A 71 -4.93 17.87 17.35
CA GLY A 71 -4.68 19.13 16.68
C GLY A 71 -4.87 19.15 15.19
N GLU A 72 -5.35 20.28 14.68
CA GLU A 72 -5.54 20.45 13.25
C GLU A 72 -4.25 20.21 12.49
N THR A 73 -4.40 19.83 11.24
CA THR A 73 -3.23 19.59 10.42
C THR A 73 -2.50 20.92 10.19
N GLY A 74 -1.19 20.92 10.45
CA GLY A 74 -0.36 22.11 10.32
C GLY A 74 -0.07 22.86 11.61
N CYS A 75 -0.45 22.33 12.76
CA CYS A 75 -0.26 23.08 14.00
C CYS A 75 1.08 22.83 14.67
N GLY A 76 1.80 21.78 14.28
CA GLY A 76 3.15 21.57 14.79
C GLY A 76 3.45 20.19 15.37
N LYS A 77 2.46 19.31 15.39
CA LYS A 77 2.59 18.04 16.11
C LYS A 77 3.81 17.26 15.65
N THR A 78 3.94 17.02 14.34
CA THR A 78 4.95 16.10 13.84
C THR A 78 6.36 16.66 14.07
N THR A 79 6.54 17.98 13.93
CA THR A 79 7.86 18.59 13.96
C THR A 79 8.25 19.21 15.29
N GLN A 80 7.30 19.54 16.17
CA GLN A 80 7.62 20.31 17.37
C GLN A 80 7.61 19.53 18.66
N VAL A 81 6.81 18.47 18.74
CA VAL A 81 6.58 17.79 20.02
C VAL A 81 7.85 17.09 20.48
N THR A 82 8.48 16.30 19.61
CA THR A 82 9.78 15.71 19.93
C THR A 82 10.80 16.77 20.34
N GLN A 83 10.76 17.94 19.69
CA GLN A 83 11.71 19.00 20.03
C GLN A 83 11.39 19.60 21.39
N PHE A 84 10.09 19.73 21.71
CA PHE A 84 9.71 20.24 23.03
C PHE A 84 10.22 19.33 24.13
N ILE A 85 10.24 18.03 23.90
CA ILE A 85 10.63 17.13 24.97
C ILE A 85 12.13 17.15 25.17
N LEU A 86 12.89 17.06 24.08
CA LEU A 86 14.34 17.04 24.23
C LEU A 86 14.85 18.36 24.80
N ASP A 87 14.33 19.48 24.31
CA ASP A 87 14.77 20.79 24.81
C ASP A 87 14.39 20.97 26.28
N ASN A 88 13.24 20.44 26.69
CA ASN A 88 12.91 20.53 28.10
C ASN A 88 13.90 19.72 28.94
N TYR A 89 14.26 18.53 28.48
CA TYR A 89 15.24 17.73 29.22
C TYR A 89 16.62 18.39 29.18
N ILE A 90 17.00 18.93 28.02
CA ILE A 90 18.31 19.57 27.89
C ILE A 90 18.42 20.75 28.84
N GLU A 91 17.43 21.66 28.80
CA GLU A 91 17.48 22.86 29.63
C GLU A 91 17.52 22.54 31.12
N ARG A 92 16.83 21.47 31.53
CA ARG A 92 16.82 21.08 32.94
C ARG A 92 18.04 20.26 33.35
N GLY A 93 19.09 20.21 32.54
CA GLY A 93 20.28 19.45 32.88
C GLY A 93 20.19 17.96 32.65
N LYS A 94 19.01 17.41 32.36
CA LYS A 94 18.80 15.98 32.20
C LYS A 94 18.87 15.53 30.74
N GLY A 95 19.56 16.29 29.88
CA GLY A 95 19.40 16.15 28.44
C GLY A 95 19.87 14.82 27.88
N SER A 96 20.84 14.17 28.52
CA SER A 96 21.36 12.90 28.02
C SER A 96 20.44 11.73 28.30
N ALA A 97 19.50 11.86 29.24
CA ALA A 97 18.67 10.73 29.67
C ALA A 97 17.54 10.43 28.72
N CYS A 98 17.57 11.02 27.54
CA CYS A 98 16.37 11.25 26.75
C CYS A 98 16.61 10.68 25.35
N ARG A 99 15.93 9.59 25.02
CA ARG A 99 16.12 8.92 23.73
C ARG A 99 14.73 8.78 23.10
N ILE A 100 14.32 9.80 22.34
CA ILE A 100 12.96 9.88 21.80
C ILE A 100 12.92 9.16 20.46
N VAL A 101 11.91 8.30 20.30
CA VAL A 101 11.62 7.66 19.02
C VAL A 101 10.22 8.06 18.59
N CYS A 102 10.08 8.51 17.35
CA CYS A 102 8.81 8.94 16.79
C CYS A 102 8.53 8.13 15.53
N THR A 103 7.37 7.47 15.48
CA THR A 103 7.04 6.58 14.38
C THR A 103 6.23 7.33 13.33
N GLN A 104 6.41 6.91 12.08
CA GLN A 104 5.79 7.55 10.94
C GLN A 104 5.16 6.51 10.02
N PRO A 105 4.06 6.88 9.36
CA PRO A 105 3.37 5.90 8.50
C PRO A 105 4.18 5.48 7.28
N ARG A 106 5.04 6.35 6.75
CA ARG A 106 5.74 6.07 5.50
C ARG A 106 7.23 6.36 5.62
N ARG A 107 8.01 5.58 4.87
CA ARG A 107 9.45 5.76 4.78
C ARG A 107 9.82 7.19 4.44
N ILE A 108 9.06 7.81 3.55
CA ILE A 108 9.34 9.16 3.09
C ILE A 108 9.19 10.16 4.24
N SER A 109 8.18 9.98 5.08
CA SER A 109 7.95 10.93 6.16
C SER A 109 9.02 10.83 7.22
N ALA A 110 9.50 9.62 7.50
CA ALA A 110 10.58 9.48 8.46
C ALA A 110 11.81 10.27 8.02
N ILE A 111 12.14 10.23 6.73
CA ILE A 111 13.32 10.93 6.25
C ILE A 111 13.08 12.44 6.24
N SER A 112 12.00 12.86 5.58
CA SER A 112 11.71 14.29 5.41
C SER A 112 11.59 14.99 6.75
N VAL A 113 10.84 14.41 7.67
CA VAL A 113 10.63 15.06 8.96
C VAL A 113 11.95 15.15 9.73
N ALA A 114 12.76 14.10 9.65
CA ALA A 114 14.07 14.12 10.31
C ALA A 114 14.95 15.24 9.74
N GLU A 115 14.94 15.42 8.41
CA GLU A 115 15.75 16.48 7.79
C GLU A 115 15.22 17.86 8.15
N ARG A 116 13.90 18.00 8.22
CA ARG A 116 13.30 19.28 8.59
C ARG A 116 13.61 19.64 10.03
N VAL A 117 13.35 18.72 10.95
CA VAL A 117 13.62 18.97 12.36
C VAL A 117 15.10 19.27 12.57
N ALA A 118 15.99 18.55 11.87
CA ALA A 118 17.42 18.82 11.98
C ALA A 118 17.76 20.21 11.45
N THR A 119 17.10 20.63 10.37
CA THR A 119 17.27 22.00 9.87
C THR A 119 16.81 23.02 10.90
N GLU A 120 15.70 22.75 11.59
CA GLU A 120 15.25 23.68 12.63
C GLU A 120 16.21 23.74 13.81
N ARG A 121 17.16 22.79 13.91
CA ARG A 121 18.15 22.80 14.98
C ARG A 121 19.53 23.22 14.49
N ALA A 122 19.61 23.84 13.30
CA ALA A 122 20.88 24.28 12.70
C ALA A 122 21.92 23.17 12.70
N GLU A 123 21.47 21.97 12.35
CA GLU A 123 22.30 20.77 12.34
C GLU A 123 22.08 20.02 11.03
N SER A 124 23.08 19.23 10.64
CA SER A 124 22.86 18.17 9.67
C SER A 124 22.03 17.04 10.29
N CYS A 125 21.23 16.37 9.45
CA CYS A 125 20.41 15.26 9.91
C CYS A 125 21.24 13.98 10.00
N GLY A 126 21.17 13.30 11.15
CA GLY A 126 22.03 12.16 11.37
C GLY A 126 23.42 12.58 11.81
N ASN A 127 24.42 11.81 11.36
CA ASN A 127 25.84 12.12 11.55
C ASN A 127 26.17 12.64 12.96
N GLY A 128 25.63 12.00 13.99
CA GLY A 128 25.97 12.35 15.36
C GLY A 128 25.31 13.59 15.91
N ASN A 129 24.32 14.14 15.22
CA ASN A 129 23.65 15.34 15.70
C ASN A 129 22.45 14.93 16.55
N SER A 130 21.54 15.86 16.83
CA SER A 130 20.45 15.55 17.76
C SER A 130 19.34 14.74 17.09
N THR A 131 19.12 14.91 15.79
CA THR A 131 17.98 14.35 15.09
C THR A 131 18.44 13.41 13.99
N GLY A 132 17.69 12.32 13.79
CA GLY A 132 17.99 11.42 12.71
C GLY A 132 16.81 10.55 12.36
N TYR A 133 17.06 9.57 11.49
CA TYR A 133 16.02 8.65 11.08
C TYR A 133 16.58 7.26 10.85
N GLN A 134 15.72 6.27 11.04
CA GLN A 134 16.01 4.85 10.80
C GLN A 134 14.90 4.27 9.95
N ILE A 135 15.24 3.87 8.73
CA ILE A 135 14.35 3.16 7.82
C ILE A 135 14.93 1.75 7.67
N ARG A 136 14.11 0.83 7.14
CA ARG A 136 14.64 -0.51 6.91
C ARG A 136 15.72 -0.46 5.83
N LEU A 137 16.93 -0.84 6.22
CA LEU A 137 18.14 -0.86 5.38
C LEU A 137 18.57 0.54 4.92
N GLN A 138 18.36 1.56 5.73
CA GLN A 138 18.86 2.90 5.48
C GLN A 138 18.78 3.74 6.75
N SER A 139 19.84 4.49 7.06
CA SER A 139 19.98 5.14 8.35
C SER A 139 20.67 6.50 8.17
N ARG A 140 20.25 7.50 8.94
CA ARG A 140 21.08 8.64 9.28
C ARG A 140 20.96 8.80 10.80
N LEU A 141 21.84 8.13 11.54
CA LEU A 141 21.59 8.03 12.98
C LEU A 141 22.08 9.25 13.74
N PRO A 142 21.31 9.71 14.73
CA PRO A 142 21.75 10.84 15.56
C PRO A 142 22.77 10.39 16.60
N ARG A 143 23.11 11.26 17.55
CA ARG A 143 23.90 10.80 18.67
C ARG A 143 23.09 9.80 19.51
N LYS A 144 23.78 9.12 20.44
CA LYS A 144 23.18 8.02 21.18
C LYS A 144 22.31 8.50 22.33
N GLN A 145 22.69 9.58 22.99
CA GLN A 145 21.94 10.13 24.11
C GLN A 145 21.41 11.51 23.75
N GLY A 146 20.25 11.85 24.32
CA GLY A 146 19.66 13.16 24.08
C GLY A 146 19.40 13.37 22.61
N SER A 147 18.61 12.47 22.04
CA SER A 147 18.44 12.38 20.60
C SER A 147 16.98 12.12 20.27
N ILE A 148 16.59 12.53 19.07
CA ILE A 148 15.28 12.24 18.48
C ILE A 148 15.50 11.39 17.25
N LEU A 149 14.79 10.26 17.18
CA LEU A 149 14.91 9.35 16.05
C LEU A 149 13.53 9.17 15.41
N TYR A 150 13.43 9.50 14.13
CA TYR A 150 12.23 9.25 13.36
C TYR A 150 12.38 7.92 12.63
N CYS A 151 11.33 7.11 12.65
CA CYS A 151 11.41 5.78 12.06
C CYS A 151 10.02 5.38 11.58
N THR A 152 9.93 4.17 11.02
CA THR A 152 8.65 3.64 10.57
C THR A 152 8.12 2.64 11.56
N THR A 153 6.81 2.41 11.49
CA THR A 153 6.20 1.38 12.33
C THR A 153 6.85 0.03 12.12
N GLY A 154 7.28 -0.28 10.89
CA GLY A 154 7.98 -1.54 10.66
C GLY A 154 9.26 -1.66 11.46
N ILE A 155 10.00 -0.56 11.61
CA ILE A 155 11.24 -0.58 12.38
C ILE A 155 10.96 -0.99 13.82
N ILE A 156 9.94 -0.38 14.44
CA ILE A 156 9.61 -0.73 15.82
C ILE A 156 9.26 -2.21 15.92
N LEU A 157 8.39 -2.67 15.03
CA LEU A 157 7.97 -4.07 15.03
C LEU A 157 9.18 -4.99 14.87
N GLN A 158 10.13 -4.65 13.99
CA GLN A 158 11.34 -5.46 13.93
C GLN A 158 12.15 -5.35 15.21
N TRP A 159 12.18 -4.15 15.83
CA TRP A 159 12.91 -3.98 17.09
C TRP A 159 12.37 -4.91 18.17
N LEU A 160 11.04 -5.09 18.21
CA LEU A 160 10.42 -5.93 19.21
C LEU A 160 10.92 -7.36 19.14
N GLN A 161 11.34 -7.81 17.97
CA GLN A 161 11.92 -9.14 17.86
C GLN A 161 13.23 -9.24 18.63
N SER A 162 14.00 -8.16 18.70
CA SER A 162 15.25 -8.22 19.43
C SER A 162 15.10 -7.80 20.90
N ASP A 163 14.21 -6.85 21.20
CA ASP A 163 14.00 -6.39 22.58
C ASP A 163 12.51 -6.10 22.74
N SER A 164 11.76 -7.10 23.22
CA SER A 164 10.32 -6.93 23.33
C SER A 164 9.95 -5.80 24.28
N ARG A 165 10.88 -5.32 25.10
CA ARG A 165 10.57 -4.26 26.07
C ARG A 165 11.10 -2.88 25.66
N LEU A 166 11.71 -2.74 24.48
CA LEU A 166 12.30 -1.48 23.97
C LEU A 166 12.98 -0.67 25.08
N SER A 167 13.84 -1.35 25.85
CA SER A 167 14.26 -0.83 27.16
C SER A 167 15.07 0.45 27.06
N SER A 168 15.83 0.64 26.00
CA SER A 168 16.68 1.83 25.93
C SER A 168 15.93 3.06 25.41
N VAL A 169 14.65 2.97 25.06
CA VAL A 169 13.91 4.12 24.58
C VAL A 169 13.18 4.76 25.75
N SER A 170 13.36 6.07 25.92
CA SER A 170 12.74 6.80 27.02
C SER A 170 11.34 7.29 26.69
N HIS A 171 11.14 7.72 25.43
CA HIS A 171 9.88 8.26 24.94
C HIS A 171 9.59 7.70 23.56
N ILE A 172 8.37 7.25 23.35
CA ILE A 172 7.96 6.79 22.04
C ILE A 172 6.75 7.62 21.60
N VAL A 173 6.85 8.21 20.42
CA VAL A 173 5.80 9.06 19.87
C VAL A 173 5.17 8.34 18.68
N LEU A 174 3.89 8.01 18.79
CA LEU A 174 3.13 7.41 17.70
C LEU A 174 2.42 8.52 16.93
N ASP A 175 2.93 8.85 15.75
CA ASP A 175 2.40 9.95 14.96
C ASP A 175 1.40 9.46 13.93
N GLU A 176 0.47 10.35 13.54
CA GLU A 176 -0.50 10.10 12.48
C GLU A 176 -1.35 8.87 12.76
N ILE A 177 -1.62 8.60 14.06
CA ILE A 177 -2.37 7.40 14.43
C ILE A 177 -3.80 7.43 13.90
N HIS A 178 -4.32 8.63 13.60
CA HIS A 178 -5.65 8.70 13.00
C HIS A 178 -5.71 8.09 11.62
N GLU A 179 -4.56 7.84 10.95
CA GLU A 179 -4.64 7.19 9.65
C GLU A 179 -5.12 5.75 9.76
N ARG A 180 -4.87 5.10 10.91
CA ARG A 180 -5.37 3.76 11.24
C ARG A 180 -4.83 2.69 10.29
N ASN A 181 -3.54 2.77 9.96
CA ASN A 181 -2.89 1.67 9.24
C ASN A 181 -2.83 0.44 10.14
N LEU A 182 -2.74 -0.74 9.51
CA LEU A 182 -2.73 -1.98 10.28
C LEU A 182 -1.59 -2.02 11.29
N GLN A 183 -0.38 -1.70 10.83
CA GLN A 183 0.79 -1.83 11.69
C GLN A 183 0.72 -0.88 12.87
N SER A 184 0.24 0.34 12.62
CA SER A 184 0.10 1.29 13.71
C SER A 184 -0.94 0.84 14.72
N ASP A 185 -2.00 0.16 14.26
CA ASP A 185 -3.00 -0.35 15.20
C ASP A 185 -2.46 -1.51 16.01
N VAL A 186 -1.64 -2.36 15.39
CA VAL A 186 -1.06 -3.46 16.16
C VAL A 186 -0.08 -2.92 17.17
N LEU A 187 0.71 -1.92 16.76
CA LEU A 187 1.67 -1.28 17.65
C LEU A 187 1.00 -0.72 18.90
N MET A 188 -0.12 -0.01 18.71
CA MET A 188 -0.82 0.55 19.86
C MET A 188 -1.14 -0.51 20.90
N THR A 189 -1.64 -1.65 20.45
CA THR A 189 -2.00 -2.73 21.38
C THR A 189 -0.76 -3.32 22.04
N VAL A 190 0.33 -3.47 21.28
CA VAL A 190 1.55 -4.01 21.87
C VAL A 190 2.13 -3.04 22.92
N ILE A 191 2.07 -1.74 22.63
CA ILE A 191 2.59 -0.72 23.54
C ILE A 191 1.74 -0.64 24.80
N LYS A 192 0.41 -0.75 24.67
CA LYS A 192 -0.43 -0.75 25.86
C LYS A 192 -0.01 -1.84 26.84
N ASP A 193 0.28 -3.04 26.33
CA ASP A 193 0.68 -4.14 27.20
C ASP A 193 2.07 -3.92 27.78
N LEU A 194 2.89 -3.15 27.09
CA LEU A 194 4.25 -2.93 27.56
C LEU A 194 4.33 -1.92 28.68
N LEU A 195 3.32 -1.05 28.82
CA LEU A 195 3.35 -0.06 29.89
C LEU A 195 3.41 -0.69 31.26
N HIS A 196 2.83 -1.88 31.41
CA HIS A 196 2.79 -2.53 32.71
C HIS A 196 4.19 -2.92 33.18
N PHE A 197 5.08 -3.27 32.26
CA PHE A 197 6.45 -3.68 32.55
C PHE A 197 7.46 -2.55 32.44
N ARG A 198 7.08 -1.38 31.93
CA ARG A 198 7.98 -0.24 31.75
C ARG A 198 7.33 0.93 32.46
N SER A 199 7.58 1.02 33.76
CA SER A 199 7.08 2.15 34.54
C SER A 199 7.70 3.46 34.07
N ASP A 200 8.90 3.41 33.49
CA ASP A 200 9.62 4.63 33.09
C ASP A 200 9.24 5.14 31.70
N LEU A 201 8.68 4.29 30.83
CA LEU A 201 8.39 4.68 29.45
C LEU A 201 7.37 5.80 29.37
N LYS A 202 7.61 6.74 28.47
CA LYS A 202 6.62 7.74 28.11
C LYS A 202 6.06 7.40 26.73
N VAL A 203 4.75 7.51 26.58
CA VAL A 203 4.05 7.23 25.32
C VAL A 203 3.17 8.42 24.99
N ILE A 204 3.38 9.02 23.81
CA ILE A 204 2.61 10.15 23.32
C ILE A 204 1.94 9.74 22.00
N LEU A 205 0.62 9.78 21.95
CA LEU A 205 -0.13 9.53 20.73
C LEU A 205 -0.50 10.88 20.12
N MET A 206 -0.29 11.02 18.82
CA MET A 206 -0.56 12.30 18.14
C MET A 206 -1.58 12.09 17.03
N SER A 207 -2.66 12.87 17.08
CA SER A 207 -3.80 12.63 16.22
C SER A 207 -4.37 13.96 15.71
N ALA A 208 -4.87 13.93 14.48
CA ALA A 208 -5.81 14.96 14.04
C ALA A 208 -7.03 14.95 14.94
N THR A 209 -7.81 16.04 14.89
CA THR A 209 -8.79 16.29 15.96
C THR A 209 -9.95 15.32 15.93
N LEU A 210 -10.41 14.90 14.76
CA LEU A 210 -11.56 13.99 14.69
C LEU A 210 -11.24 12.66 15.38
N ASN A 211 -12.09 12.26 16.32
CA ASN A 211 -12.05 10.94 16.94
C ASN A 211 -10.80 10.71 17.76
N ALA A 212 -10.08 11.77 18.17
CA ALA A 212 -8.84 11.59 18.93
C ALA A 212 -9.10 11.10 20.35
N GLU A 213 -10.33 11.24 20.84
CA GLU A 213 -10.63 10.74 22.18
C GLU A 213 -10.94 9.25 22.17
N LYS A 214 -11.18 8.66 21.00
CA LYS A 214 -11.24 7.21 20.91
C LYS A 214 -9.92 6.59 21.38
N PHE A 215 -8.79 7.21 21.03
CA PHE A 215 -7.48 6.72 21.42
C PHE A 215 -7.24 6.92 22.91
N SER A 216 -7.68 8.05 23.45
CA SER A 216 -7.66 8.22 24.91
C SER A 216 -8.44 7.10 25.58
N GLU A 217 -9.67 6.86 25.12
CA GLU A 217 -10.50 5.83 25.75
C GLU A 217 -9.85 4.46 25.67
N TYR A 218 -9.23 4.13 24.54
CA TYR A 218 -8.58 2.82 24.41
C TYR A 218 -7.44 2.67 25.42
N PHE A 219 -6.81 3.77 25.83
CA PHE A 219 -5.70 3.74 26.77
C PHE A 219 -6.14 4.05 28.21
N GLY A 220 -7.37 3.68 28.57
CA GLY A 220 -7.84 3.89 29.94
C GLY A 220 -8.24 5.31 30.26
N ASN A 221 -8.74 6.06 29.28
CA ASN A 221 -9.07 7.48 29.43
C ASN A 221 -7.86 8.25 29.99
N CYS A 222 -6.78 8.23 29.22
CA CYS A 222 -5.56 8.94 29.58
C CYS A 222 -5.70 10.45 29.31
N PRO A 223 -4.83 11.28 29.89
CA PRO A 223 -4.91 12.73 29.63
C PRO A 223 -4.90 13.03 28.15
N MET A 224 -5.67 14.03 27.77
CA MET A 224 -5.82 14.42 26.38
C MET A 224 -5.68 15.93 26.29
N ILE A 225 -5.01 16.41 25.24
CA ILE A 225 -4.83 17.84 25.06
C ILE A 225 -4.92 18.19 23.59
N HIS A 226 -5.54 19.33 23.30
CA HIS A 226 -5.81 19.77 21.94
C HIS A 226 -5.09 21.09 21.70
N ILE A 227 -4.28 21.13 20.65
CA ILE A 227 -3.61 22.36 20.26
C ILE A 227 -4.59 23.14 19.40
N PRO A 228 -5.12 24.27 19.86
CA PRO A 228 -6.08 25.00 19.04
C PRO A 228 -5.40 25.65 17.85
N GLY A 229 -6.18 25.79 16.79
CA GLY A 229 -5.77 26.55 15.64
C GLY A 229 -6.95 27.35 15.16
N PHE A 230 -6.68 28.27 14.25
CA PHE A 230 -7.74 29.02 13.63
C PHE A 230 -7.82 28.64 12.16
N THR A 231 -9.04 28.42 11.69
CA THR A 231 -9.32 28.22 10.28
C THR A 231 -10.22 29.35 9.82
N PHE A 232 -9.85 29.99 8.70
CA PHE A 232 -10.68 30.98 8.08
C PHE A 232 -11.87 30.32 7.41
N PRO A 233 -12.95 31.06 7.19
CA PRO A 233 -14.07 30.52 6.42
C PRO A 233 -13.65 30.08 5.03
N VAL A 234 -14.19 28.94 4.58
CA VAL A 234 -13.95 28.41 3.26
C VAL A 234 -15.27 28.25 2.52
N VAL A 235 -15.40 28.87 1.34
CA VAL A 235 -16.54 28.60 0.47
C VAL A 235 -16.41 27.22 -0.15
N GLU A 236 -17.46 26.41 -0.02
CA GLU A 236 -17.49 25.09 -0.65
C GLU A 236 -18.29 25.10 -1.95
N TYR A 237 -17.83 24.30 -2.90
CA TYR A 237 -18.54 24.18 -4.17
C TYR A 237 -18.74 22.71 -4.51
N LEU A 238 -19.96 22.39 -4.94
CA LEU A 238 -20.23 21.04 -5.43
C LEU A 238 -20.06 21.00 -6.93
N LEU A 239 -20.22 19.81 -7.48
CA LEU A 239 -20.05 19.63 -8.91
C LEU A 239 -21.00 20.54 -9.72
N GLU A 240 -22.25 20.71 -9.25
CA GLU A 240 -23.20 21.64 -9.89
C GLU A 240 -22.60 23.03 -9.99
N ASP A 241 -22.09 23.54 -8.86
CA ASP A 241 -21.56 24.90 -8.83
C ASP A 241 -20.36 25.04 -9.74
N ILE A 242 -19.48 24.03 -9.75
CA ILE A 242 -18.30 24.06 -10.61
C ILE A 242 -18.71 24.11 -12.07
N ILE A 243 -19.57 23.18 -12.50
CA ILE A 243 -19.99 23.11 -13.89
C ILE A 243 -20.65 24.42 -14.32
N GLU A 244 -21.47 25.00 -13.43
CA GLU A 244 -22.11 26.28 -13.73
C GLU A 244 -21.10 27.41 -13.79
N LYS A 245 -20.18 27.49 -12.82
CA LYS A 245 -19.22 28.58 -12.77
C LYS A 245 -18.35 28.62 -14.03
N ILE A 246 -17.84 27.49 -14.50
CA ILE A 246 -16.97 27.51 -15.67
C ILE A 246 -17.69 27.15 -16.97
N ARG A 247 -19.01 26.96 -16.93
CA ARG A 247 -19.79 26.49 -18.09
C ARG A 247 -19.13 25.28 -18.74
N TYR A 248 -18.84 24.27 -17.92
CA TYR A 248 -18.05 23.14 -18.39
C TYR A 248 -18.84 22.37 -19.44
N VAL A 249 -18.15 22.01 -20.52
CA VAL A 249 -18.70 21.13 -21.55
C VAL A 249 -17.64 20.08 -21.86
N PRO A 250 -17.96 18.77 -21.76
CA PRO A 250 -16.97 17.73 -22.04
C PRO A 250 -16.52 17.76 -23.49
N ASP A 251 -15.30 17.30 -23.71
CA ASP A 251 -14.54 17.61 -24.91
C ASP A 251 -14.72 16.54 -25.99
N GLN A 252 -13.99 16.73 -27.08
CA GLN A 252 -14.20 16.04 -28.35
C GLN A 252 -13.49 14.68 -28.36
N LYS A 253 -13.92 13.80 -27.47
CA LYS A 253 -13.39 12.43 -27.41
C LYS A 253 -14.34 11.45 -26.72
N GLN A 258 -12.67 5.32 -24.86
CA GLN A 258 -13.82 4.90 -24.04
C GLN A 258 -13.91 3.37 -23.96
N PHE A 259 -13.03 2.81 -23.11
CA PHE A 259 -12.72 1.41 -22.87
C PHE A 259 -13.49 0.88 -21.67
N LYS A 260 -13.80 -0.42 -21.67
CA LYS A 260 -14.81 -1.01 -20.73
C LYS A 260 -14.41 -1.24 -19.26
N ARG A 261 -15.34 -0.88 -18.22
CA ARG A 261 -15.17 -1.11 -16.76
C ARG A 261 -15.90 -2.30 -16.12
N GLY A 262 -15.92 -2.29 -14.78
CA GLY A 262 -16.70 -3.22 -14.02
C GLY A 262 -16.37 -4.68 -14.27
N PHE A 263 -17.40 -5.48 -14.57
CA PHE A 263 -17.22 -6.93 -14.64
C PHE A 263 -16.21 -7.31 -15.71
N MET A 264 -16.22 -6.62 -16.86
CA MET A 264 -15.27 -6.96 -17.92
C MET A 264 -13.82 -6.70 -17.50
N GLN A 265 -13.58 -5.73 -16.62
CA GLN A 265 -12.25 -5.38 -16.16
C GLN A 265 -11.92 -5.91 -14.76
N GLY A 266 -12.67 -6.89 -14.26
CA GLY A 266 -12.35 -7.51 -12.98
C GLY A 266 -12.78 -6.76 -11.73
N HIS A 267 -13.84 -5.96 -11.79
CA HIS A 267 -14.30 -5.17 -10.66
C HIS A 267 -15.61 -5.74 -10.13
N VAL A 268 -15.58 -6.28 -8.94
CA VAL A 268 -16.77 -6.72 -8.23
C VAL A 268 -17.31 -5.53 -7.45
N ASN A 269 -18.64 -5.47 -7.29
CA ASN A 269 -19.27 -4.48 -6.42
C ASN A 269 -19.60 -5.12 -5.09
N ARG A 270 -19.21 -4.46 -4.01
CA ARG A 270 -19.54 -4.95 -2.67
C ARG A 270 -21.00 -4.63 -2.34
N GLN A 271 -21.64 -5.52 -1.59
CA GLN A 271 -23.07 -5.36 -1.36
C GLN A 271 -23.39 -4.25 -0.37
N GLU A 272 -22.49 -3.94 0.58
CA GLU A 272 -22.74 -2.78 1.44
C GLU A 272 -22.73 -1.49 0.64
N LYS A 273 -21.96 -1.46 -0.44
CA LYS A 273 -22.02 -0.36 -1.40
C LYS A 273 -23.34 -0.40 -2.19
N GLU A 274 -23.88 -1.60 -2.43
CA GLU A 274 -25.07 -1.68 -3.29
C GLU A 274 -26.30 -1.10 -2.59
N GLU A 275 -26.35 -1.13 -1.27
CA GLU A 275 -27.51 -0.60 -0.58
C GLU A 275 -27.58 0.91 -0.72
N LYS A 276 -26.45 1.61 -0.53
CA LYS A 276 -26.48 3.05 -0.65
C LYS A 276 -26.68 3.51 -2.08
N GLU A 277 -26.18 2.75 -3.07
CA GLU A 277 -26.40 3.13 -4.47
C GLU A 277 -27.87 3.00 -4.86
N ALA A 278 -28.59 2.06 -4.24
CA ALA A 278 -30.03 2.02 -4.44
C ALA A 278 -30.71 3.28 -3.92
N ILE A 279 -30.24 3.80 -2.77
CA ILE A 279 -30.78 5.06 -2.23
C ILE A 279 -30.41 6.22 -3.14
N TYR A 280 -29.23 6.17 -3.77
CA TYR A 280 -28.83 7.24 -4.69
C TYR A 280 -29.73 7.23 -5.92
N LYS A 281 -29.90 6.06 -6.55
CA LYS A 281 -30.69 6.04 -7.77
C LYS A 281 -32.17 6.26 -7.47
N GLU A 282 -32.64 5.93 -6.26
CA GLU A 282 -34.03 6.23 -5.92
C GLU A 282 -34.23 7.74 -5.71
N ARG A 283 -33.25 8.41 -5.10
CA ARG A 283 -33.38 9.85 -4.88
C ARG A 283 -32.98 10.67 -6.11
N TRP A 284 -32.34 10.05 -7.10
CA TRP A 284 -31.80 10.79 -8.23
C TRP A 284 -32.84 11.58 -9.02
N PRO A 285 -34.01 11.02 -9.38
CA PRO A 285 -34.96 11.82 -10.20
C PRO A 285 -35.46 13.08 -9.53
N ALA A 286 -35.81 13.02 -8.24
CA ALA A 286 -36.20 14.24 -7.51
C ALA A 286 -35.04 15.23 -7.36
N TYR A 287 -33.81 14.74 -7.23
CA TYR A 287 -32.69 15.65 -7.08
C TYR A 287 -32.41 16.42 -8.37
N ILE A 288 -32.47 15.73 -9.52
CA ILE A 288 -32.31 16.41 -10.79
C ILE A 288 -33.37 17.48 -10.95
N LYS A 289 -34.62 17.13 -10.62
CA LYS A 289 -35.73 18.04 -10.84
C LYS A 289 -35.52 19.35 -10.11
N GLU A 290 -35.10 19.27 -8.84
CA GLU A 290 -34.89 20.48 -8.05
C GLU A 290 -33.70 21.26 -8.57
N LEU A 291 -32.65 20.57 -9.03
CA LEU A 291 -31.53 21.26 -9.64
C LEU A 291 -31.97 22.15 -10.80
N ARG A 292 -32.90 21.66 -11.63
CA ARG A 292 -33.28 22.43 -12.82
C ARG A 292 -33.98 23.73 -12.47
N THR A 293 -34.47 23.88 -11.24
CA THR A 293 -35.01 25.16 -10.79
C THR A 293 -33.92 26.13 -10.31
N ARG A 294 -32.66 25.69 -10.18
CA ARG A 294 -31.62 26.58 -9.68
C ARG A 294 -30.37 26.64 -10.53
N TYR A 295 -30.15 25.69 -11.43
CA TYR A 295 -29.01 25.74 -12.32
C TYR A 295 -29.50 25.78 -13.75
N SER A 296 -28.63 26.23 -14.66
CA SER A 296 -28.95 26.27 -16.07
C SER A 296 -29.16 24.86 -16.63
N ALA A 297 -30.00 24.78 -17.66
CA ALA A 297 -30.29 23.49 -18.31
C ALA A 297 -29.00 22.80 -18.79
N SER A 298 -28.04 23.58 -19.29
CA SER A 298 -26.79 22.99 -19.74
C SER A 298 -25.95 22.47 -18.58
N THR A 299 -26.02 23.15 -17.43
CA THR A 299 -25.32 22.65 -16.27
C THR A 299 -25.87 21.29 -15.85
N VAL A 300 -27.19 21.19 -15.73
CA VAL A 300 -27.82 19.94 -15.33
C VAL A 300 -27.66 18.89 -16.43
N ASP A 301 -27.77 19.30 -17.69
CA ASP A 301 -27.59 18.34 -18.79
C ASP A 301 -26.22 17.66 -18.69
N VAL A 302 -25.19 18.45 -18.41
CA VAL A 302 -23.83 17.93 -18.27
C VAL A 302 -23.71 17.10 -17.01
N LEU A 303 -24.32 17.56 -15.91
CA LEU A 303 -24.15 16.86 -14.64
C LEU A 303 -24.78 15.47 -14.70
N GLN A 304 -25.96 15.35 -15.33
CA GLN A 304 -26.51 14.02 -15.25
C GLN A 304 -25.81 13.06 -16.14
N MET A 305 -24.73 13.46 -16.79
CA MET A 305 -24.02 12.57 -17.68
C MET A 305 -22.59 12.33 -17.23
N MET A 306 -22.18 12.93 -16.11
CA MET A 306 -20.84 12.70 -15.58
C MET A 306 -20.65 11.27 -15.05
N ASP A 307 -19.51 10.66 -15.39
CA ASP A 307 -19.17 9.33 -14.88
C ASP A 307 -18.76 9.43 -13.42
N ASP A 308 -19.41 8.60 -12.60
CA ASP A 308 -19.17 8.52 -11.17
C ASP A 308 -17.97 7.69 -10.78
N ASP A 309 -17.31 7.02 -11.72
CA ASP A 309 -16.34 6.00 -11.37
C ASP A 309 -14.90 6.42 -11.61
N LYS A 310 -14.67 7.57 -12.21
CA LYS A 310 -13.32 8.10 -12.35
C LYS A 310 -13.38 9.61 -12.18
N VAL A 311 -12.34 10.16 -11.55
CA VAL A 311 -12.22 11.60 -11.46
C VAL A 311 -12.06 12.17 -12.86
N ASP A 312 -12.88 13.18 -13.18
CA ASP A 312 -12.74 13.84 -14.48
C ASP A 312 -11.55 14.78 -14.40
N LEU A 313 -10.39 14.31 -14.91
CA LEU A 313 -9.20 15.15 -14.88
C LEU A 313 -9.29 16.32 -15.86
N ASN A 314 -10.06 16.18 -16.93
CA ASN A 314 -10.27 17.31 -17.82
C ASN A 314 -11.10 18.40 -17.15
N LEU A 315 -12.07 18.03 -16.33
CA LEU A 315 -12.81 19.04 -15.57
C LEU A 315 -11.88 19.76 -14.61
N ILE A 316 -11.05 19.01 -13.89
CA ILE A 316 -10.07 19.61 -12.98
C ILE A 316 -9.13 20.54 -13.74
N ALA A 317 -8.63 20.11 -14.90
CA ALA A 317 -7.72 20.95 -15.68
C ALA A 317 -8.38 22.27 -16.06
N ALA A 318 -9.65 22.21 -16.49
CA ALA A 318 -10.43 23.41 -16.77
C ALA A 318 -10.60 24.28 -15.53
N LEU A 319 -10.94 23.67 -14.40
CA LEU A 319 -11.21 24.44 -13.19
C LEU A 319 -9.96 25.18 -12.72
N ILE A 320 -8.81 24.51 -12.80
CA ILE A 320 -7.56 25.16 -12.45
C ILE A 320 -7.32 26.38 -13.36
N ARG A 321 -7.62 26.25 -14.66
CA ARG A 321 -7.40 27.39 -15.53
C ARG A 321 -8.36 28.53 -15.22
N TYR A 322 -9.59 28.22 -14.83
CA TYR A 322 -10.50 29.27 -14.39
C TYR A 322 -9.96 29.97 -13.15
N ILE A 323 -9.50 29.20 -12.16
CA ILE A 323 -8.98 29.81 -10.94
C ILE A 323 -7.80 30.74 -11.25
N VAL A 324 -6.86 30.28 -12.08
CA VAL A 324 -5.67 31.11 -12.24
C VAL A 324 -5.99 32.42 -12.92
N LEU A 325 -7.02 32.45 -13.77
CA LEU A 325 -7.35 33.64 -14.55
C LEU A 325 -8.44 34.51 -13.92
N GLU A 326 -9.21 33.99 -12.98
CA GLU A 326 -10.35 34.73 -12.48
C GLU A 326 -10.33 35.02 -10.98
N GLU A 327 -9.44 34.38 -10.20
CA GLU A 327 -9.45 34.46 -8.75
C GLU A 327 -8.16 35.10 -8.24
N GLU A 328 -8.25 35.73 -7.06
CA GLU A 328 -7.09 36.38 -6.47
C GLU A 328 -5.97 35.36 -6.23
N ASP A 329 -4.78 35.88 -5.98
CA ASP A 329 -3.60 35.04 -5.85
C ASP A 329 -3.72 34.08 -4.66
N GLY A 330 -3.01 32.97 -4.78
CA GLY A 330 -3.06 31.91 -3.81
C GLY A 330 -2.70 30.59 -4.46
N ALA A 331 -1.95 29.76 -3.74
CA ALA A 331 -1.58 28.47 -4.28
C ALA A 331 -2.82 27.57 -4.36
N ILE A 332 -2.80 26.66 -5.33
CA ILE A 332 -3.86 25.70 -5.56
C ILE A 332 -3.33 24.32 -5.20
N LEU A 333 -4.14 23.53 -4.51
CA LEU A 333 -3.79 22.17 -4.10
C LEU A 333 -4.86 21.19 -4.59
N VAL A 334 -4.42 20.13 -5.26
CA VAL A 334 -5.32 19.14 -5.85
C VAL A 334 -5.11 17.81 -5.14
N PHE A 335 -6.20 17.15 -4.77
CA PHE A 335 -6.15 15.84 -4.12
C PHE A 335 -6.69 14.81 -5.09
N LEU A 336 -5.83 13.94 -5.57
CA LEU A 336 -6.20 12.91 -6.52
C LEU A 336 -5.87 11.54 -5.91
N PRO A 337 -6.53 10.47 -6.38
CA PRO A 337 -6.11 9.12 -5.98
C PRO A 337 -5.00 8.57 -6.85
N GLY A 338 -3.85 8.27 -6.27
CA GLY A 338 -2.86 7.53 -7.02
C GLY A 338 -2.04 8.38 -7.97
N TRP A 339 -0.85 7.87 -8.28
CA TRP A 339 0.07 8.57 -9.15
C TRP A 339 -0.35 8.50 -10.60
N ASP A 340 -1.15 7.51 -10.99
CA ASP A 340 -1.65 7.48 -12.36
C ASP A 340 -2.40 8.78 -12.67
N ASN A 341 -3.25 9.21 -11.73
CA ASN A 341 -4.02 10.42 -11.96
C ASN A 341 -3.17 11.67 -11.86
N ILE A 342 -2.16 11.66 -10.98
CA ILE A 342 -1.35 12.86 -10.81
C ILE A 342 -0.56 13.17 -12.09
N SER A 343 0.03 12.15 -12.71
CA SER A 343 0.88 12.43 -13.87
C SER A 343 0.04 12.80 -15.08
N THR A 344 -1.12 12.16 -15.24
CA THR A 344 -2.03 12.55 -16.32
C THR A 344 -2.41 14.04 -16.21
N LEU A 345 -2.72 14.51 -15.00
CA LEU A 345 -3.14 15.91 -14.83
C LEU A 345 -1.97 16.87 -15.04
N HIS A 346 -0.78 16.49 -14.54
CA HIS A 346 0.42 17.28 -14.78
C HIS A 346 0.68 17.47 -16.26
N ASP A 347 0.48 16.42 -17.05
CA ASP A 347 0.72 16.55 -18.48
C ASP A 347 -0.41 17.32 -19.15
N LEU A 348 -1.63 17.22 -18.62
CA LEU A 348 -2.72 18.03 -19.16
C LEU A 348 -2.43 19.51 -19.03
N LEU A 349 -1.88 19.93 -17.88
CA LEU A 349 -1.50 21.33 -17.73
C LEU A 349 -0.27 21.66 -18.56
N MET A 350 0.75 20.79 -18.54
CA MET A 350 2.03 21.19 -19.11
C MET A 350 2.03 21.19 -20.63
N SER A 351 1.08 20.51 -21.27
CA SER A 351 1.00 20.55 -22.72
C SER A 351 0.55 21.90 -23.26
N GLN A 352 -0.18 22.69 -22.46
CA GLN A 352 -0.63 24.02 -22.86
C GLN A 352 0.46 25.05 -22.63
N VAL A 353 0.68 25.90 -23.64
CA VAL A 353 1.76 26.90 -23.57
C VAL A 353 1.58 27.83 -22.39
N MET A 354 0.33 28.10 -22.01
CA MET A 354 0.04 29.03 -20.93
C MET A 354 0.71 28.59 -19.64
N PHE A 355 0.71 27.29 -19.36
CA PHE A 355 1.28 26.75 -18.13
C PHE A 355 2.75 26.38 -18.22
N LYS A 356 3.37 26.51 -19.40
CA LYS A 356 4.82 26.35 -19.49
C LYS A 356 5.57 27.57 -18.98
N SER A 357 4.87 28.57 -18.49
CA SER A 357 5.46 29.87 -18.18
C SER A 357 6.15 29.86 -16.81
N ASP A 358 7.02 30.83 -16.62
CA ASP A 358 7.69 31.05 -15.35
C ASP A 358 6.76 31.61 -14.28
N LYS A 359 5.53 31.96 -14.66
CA LYS A 359 4.52 32.45 -13.72
C LYS A 359 3.71 31.32 -13.10
N PHE A 360 4.09 30.07 -13.36
CA PHE A 360 3.44 28.91 -12.77
C PHE A 360 4.47 27.94 -12.25
N LEU A 361 4.12 27.32 -11.13
CA LEU A 361 4.95 26.31 -10.48
C LEU A 361 4.02 25.14 -10.18
N ILE A 362 4.16 24.07 -10.94
CA ILE A 362 3.27 22.91 -10.86
C ILE A 362 4.08 21.74 -10.34
N ILE A 363 3.69 21.23 -9.17
CA ILE A 363 4.49 20.27 -8.42
C ILE A 363 3.66 19.00 -8.20
N PRO A 364 4.04 17.87 -8.79
CA PRO A 364 3.39 16.60 -8.43
C PRO A 364 4.06 16.00 -7.19
N LEU A 365 3.24 15.56 -6.24
CA LEU A 365 3.71 14.94 -5.02
C LEU A 365 3.51 13.42 -5.07
N GLN A 374 9.99 19.29 -6.31
CA GLN A 374 9.35 19.12 -5.00
C GLN A 374 10.27 19.72 -3.93
N THR A 375 11.39 20.32 -4.35
CA THR A 375 12.23 21.03 -3.38
C THR A 375 11.51 22.25 -2.81
N GLN A 376 10.64 22.87 -3.62
CA GLN A 376 10.11 24.21 -3.40
C GLN A 376 8.63 24.21 -3.01
N VAL A 377 8.13 23.09 -2.48
CA VAL A 377 6.69 22.97 -2.27
C VAL A 377 6.23 23.93 -1.18
N PHE A 378 7.01 24.07 -0.11
CA PHE A 378 6.62 24.89 1.01
C PHE A 378 6.91 26.37 0.80
N LYS A 379 7.98 26.71 0.07
CA LYS A 379 8.37 28.10 -0.13
C LYS A 379 7.26 28.91 -0.79
N LYS A 380 6.93 30.06 -0.19
CA LYS A 380 5.91 30.92 -0.77
C LYS A 380 6.42 31.53 -2.06
N THR A 381 5.55 31.57 -3.04
CA THR A 381 5.85 32.04 -4.39
C THR A 381 5.77 33.55 -4.47
N PRO A 382 6.61 34.15 -5.31
CA PRO A 382 6.53 35.61 -5.55
C PRO A 382 5.15 36.03 -5.99
N PRO A 383 4.79 37.30 -5.81
CA PRO A 383 3.40 37.74 -6.06
C PRO A 383 2.92 37.51 -7.49
N GLY A 384 3.81 37.33 -8.46
CA GLY A 384 3.35 36.97 -9.77
C GLY A 384 3.06 35.48 -9.86
N VAL A 385 4.00 34.67 -9.36
CA VAL A 385 4.00 33.24 -9.61
C VAL A 385 2.85 32.56 -8.88
N ARG A 386 2.27 31.56 -9.54
CA ARG A 386 1.14 30.79 -9.02
C ARG A 386 1.60 29.35 -8.81
N LYS A 387 1.50 28.87 -7.56
CA LYS A 387 1.87 27.49 -7.22
C LYS A 387 0.66 26.55 -7.34
N ILE A 388 0.84 25.44 -8.06
CA ILE A 388 -0.15 24.39 -8.22
C ILE A 388 0.50 23.11 -7.73
N VAL A 389 -0.08 22.49 -6.71
CA VAL A 389 0.43 21.25 -6.13
C VAL A 389 -0.58 20.15 -6.40
N ILE A 390 -0.14 19.07 -7.02
CA ILE A 390 -0.99 17.93 -7.34
C ILE A 390 -0.55 16.80 -6.42
N ALA A 391 -1.39 16.44 -5.46
CA ALA A 391 -1.02 15.52 -4.41
C ALA A 391 -2.05 14.39 -4.31
N THR A 392 -1.60 13.26 -3.78
CA THR A 392 -2.52 12.18 -3.43
C THR A 392 -3.21 12.48 -2.11
N ASN A 393 -4.12 11.57 -1.75
CA ASN A 393 -4.90 11.68 -0.54
C ASN A 393 -4.03 11.71 0.71
N ILE A 394 -2.78 11.27 0.61
CA ILE A 394 -1.85 11.24 1.73
C ILE A 394 -1.58 12.64 2.28
N ALA A 395 -1.68 13.66 1.44
CA ALA A 395 -1.40 15.03 1.89
C ALA A 395 -2.60 15.69 2.58
N GLU A 396 -3.72 14.97 2.70
CA GLU A 396 -4.86 15.45 3.48
C GLU A 396 -4.44 15.89 4.88
N THR A 397 -3.74 15.00 5.61
CA THR A 397 -3.47 15.25 7.02
C THR A 397 -1.99 15.17 7.38
N SER A 398 -1.08 15.05 6.41
CA SER A 398 0.33 14.83 6.76
C SER A 398 1.28 15.88 6.19
N ILE A 399 1.02 16.41 5.01
CA ILE A 399 1.80 17.50 4.45
C ILE A 399 0.94 18.75 4.47
N THR A 400 1.54 19.87 4.87
CA THR A 400 0.86 21.14 4.96
C THR A 400 1.66 22.18 4.18
N ILE A 401 1.01 22.82 3.21
CA ILE A 401 1.61 23.90 2.44
C ILE A 401 0.91 25.19 2.85
N ASP A 402 1.68 26.13 3.38
CA ASP A 402 1.08 27.31 3.99
C ASP A 402 0.45 28.24 2.97
N ASP A 403 0.84 28.12 1.70
CA ASP A 403 0.47 29.04 0.64
C ASP A 403 -0.97 28.85 0.11
N VAL A 404 -1.66 27.78 0.52
CA VAL A 404 -2.84 27.27 -0.20
C VAL A 404 -4.06 28.13 0.08
N VAL A 405 -4.78 28.48 -0.98
CA VAL A 405 -6.02 29.26 -0.86
C VAL A 405 -7.17 28.52 -1.52
N TYR A 406 -6.87 27.73 -2.55
CA TYR A 406 -7.86 27.00 -3.34
C TYR A 406 -7.54 25.51 -3.23
N VAL A 407 -8.55 24.71 -2.91
CA VAL A 407 -8.40 23.26 -2.77
C VAL A 407 -9.37 22.58 -3.75
N ILE A 408 -8.83 21.73 -4.59
CA ILE A 408 -9.68 20.93 -5.46
C ILE A 408 -9.69 19.51 -4.92
N ASP A 409 -10.86 19.07 -4.49
CA ASP A 409 -11.04 17.75 -3.92
C ASP A 409 -11.64 16.86 -5.00
N GLY A 410 -10.80 15.96 -5.53
CA GLY A 410 -11.26 15.04 -6.56
C GLY A 410 -12.40 14.16 -6.11
N GLY A 411 -12.62 14.04 -4.81
CA GLY A 411 -13.74 13.30 -4.30
C GLY A 411 -13.52 11.83 -4.14
N LYS A 412 -12.33 11.33 -4.47
CA LYS A 412 -12.07 9.90 -4.47
C LYS A 412 -10.83 9.59 -3.65
N ILE A 413 -10.80 8.36 -3.15
CA ILE A 413 -9.66 7.89 -2.38
C ILE A 413 -9.46 6.43 -2.73
N LYS A 414 -8.20 6.00 -2.72
CA LYS A 414 -7.88 4.60 -2.95
C LYS A 414 -7.98 3.81 -1.64
N GLU A 415 -8.69 2.67 -1.66
CA GLU A 415 -8.76 1.86 -0.45
C GLU A 415 -9.08 0.41 -0.78
N THR A 416 -8.36 -0.50 -0.14
CA THR A 416 -8.62 -1.92 -0.27
C THR A 416 -9.92 -2.30 0.44
N HIS A 417 -10.56 -3.38 -0.03
CA HIS A 417 -11.76 -3.93 0.60
C HIS A 417 -11.69 -5.44 0.49
N PHE A 418 -12.45 -6.13 1.36
CA PHE A 418 -12.37 -7.59 1.49
C PHE A 418 -13.78 -8.15 1.64
N ASP A 419 -14.16 -9.07 0.76
CA ASP A 419 -15.53 -9.59 0.69
C ASP A 419 -15.56 -10.97 1.37
N THR A 420 -16.03 -11.00 2.62
CA THR A 420 -15.84 -12.16 3.49
C THR A 420 -16.68 -13.37 3.09
N GLN A 421 -17.79 -13.19 2.38
CA GLN A 421 -18.62 -14.33 2.03
C GLN A 421 -18.30 -14.91 0.65
N ASN A 422 -17.49 -14.22 -0.16
CA ASN A 422 -16.93 -14.78 -1.39
C ASN A 422 -15.41 -14.88 -1.38
N ASN A 423 -14.73 -14.47 -0.30
CA ASN A 423 -13.27 -14.38 -0.18
C ASN A 423 -12.65 -13.85 -1.46
N ILE A 424 -13.02 -12.62 -1.80
CA ILE A 424 -12.35 -11.86 -2.84
C ILE A 424 -12.07 -10.48 -2.27
N SER A 425 -10.83 -10.04 -2.38
CA SER A 425 -10.38 -8.74 -1.90
C SER A 425 -9.78 -7.96 -3.06
N THR A 426 -10.13 -6.68 -3.15
CA THR A 426 -9.70 -5.82 -4.24
C THR A 426 -9.46 -4.41 -3.71
N MET A 427 -8.86 -3.59 -4.56
CA MET A 427 -8.55 -2.20 -4.28
C MET A 427 -9.29 -1.34 -5.29
N SER A 428 -9.76 -0.16 -4.87
CA SER A 428 -10.48 0.70 -5.79
C SER A 428 -10.50 2.14 -5.28
N ALA A 429 -10.72 3.07 -6.21
CA ALA A 429 -10.99 4.47 -5.86
C ALA A 429 -12.45 4.59 -5.46
N GLU A 430 -12.69 4.84 -4.18
CA GLU A 430 -14.01 5.00 -3.61
C GLU A 430 -14.24 6.47 -3.28
N TRP A 431 -15.48 6.81 -3.01
CA TRP A 431 -15.79 8.15 -2.55
C TRP A 431 -15.13 8.47 -1.21
N VAL A 432 -14.67 9.72 -1.06
CA VAL A 432 -14.20 10.21 0.24
C VAL A 432 -15.34 10.19 1.25
N SER A 433 -14.96 10.17 2.53
CA SER A 433 -15.91 10.37 3.61
C SER A 433 -16.16 11.86 3.87
N LYS A 434 -17.25 12.14 4.59
CA LYS A 434 -17.52 13.51 5.06
C LYS A 434 -16.35 14.05 5.87
N ALA A 435 -15.70 13.17 6.65
CA ALA A 435 -14.54 13.58 7.45
C ALA A 435 -13.36 13.99 6.58
N ASN A 436 -13.04 13.18 5.56
CA ASN A 436 -12.04 13.58 4.57
C ASN A 436 -12.44 14.88 3.91
N ALA A 437 -13.68 14.97 3.43
CA ALA A 437 -14.11 16.16 2.70
C ALA A 437 -13.95 17.42 3.56
N LYS A 438 -14.17 17.30 4.87
CA LYS A 438 -14.01 18.43 5.77
C LYS A 438 -12.54 18.74 6.05
N GLN A 439 -11.69 17.71 6.15
CA GLN A 439 -10.27 18.01 6.28
C GLN A 439 -9.72 18.71 5.02
N ARG A 440 -10.15 18.26 3.85
CA ARG A 440 -9.70 18.90 2.61
C ARG A 440 -10.17 20.35 2.53
N LYS A 441 -11.41 20.61 2.95
CA LYS A 441 -11.90 21.98 2.97
C LYS A 441 -11.08 22.85 3.93
N GLY A 442 -10.71 22.30 5.10
CA GLY A 442 -9.93 23.07 6.05
C GLY A 442 -8.59 23.52 5.49
N ARG A 443 -7.94 22.68 4.70
CA ARG A 443 -6.63 23.04 4.17
C ARG A 443 -6.65 24.34 3.38
N ALA A 444 -7.81 24.86 3.00
CA ALA A 444 -7.86 26.08 2.22
C ALA A 444 -8.07 27.32 3.08
N GLY A 445 -8.27 27.17 4.38
CA GLY A 445 -8.58 28.32 5.21
C GLY A 445 -7.52 28.51 6.28
N ARG A 446 -6.29 28.18 5.94
CA ARG A 446 -5.24 28.27 6.94
C ARG A 446 -4.60 29.64 7.02
N VAL A 447 -4.64 30.45 5.98
CA VAL A 447 -4.04 31.78 6.05
C VAL A 447 -5.00 32.90 5.67
N GLN A 448 -6.07 32.62 4.94
CA GLN A 448 -7.05 33.62 4.55
C GLN A 448 -8.33 32.89 4.15
N PRO A 449 -9.43 33.61 3.93
CA PRO A 449 -10.63 32.93 3.43
C PRO A 449 -10.30 32.17 2.17
N GLY A 450 -10.74 30.92 2.11
CA GLY A 450 -10.40 30.03 1.02
C GLY A 450 -11.60 29.52 0.25
N HIS A 451 -11.31 28.61 -0.66
CA HIS A 451 -12.27 28.00 -1.56
C HIS A 451 -11.91 26.54 -1.68
N CYS A 452 -12.91 25.67 -1.52
CA CYS A 452 -12.76 24.24 -1.68
C CYS A 452 -13.78 23.79 -2.71
N TYR A 453 -13.29 23.22 -3.83
CA TYR A 453 -14.16 22.74 -4.92
C TYR A 453 -14.27 21.23 -4.81
N HIS A 454 -15.47 20.74 -4.53
CA HIS A 454 -15.69 19.31 -4.31
C HIS A 454 -16.22 18.70 -5.62
N LEU A 455 -15.51 17.71 -6.15
CA LEU A 455 -15.94 17.08 -7.40
C LEU A 455 -16.93 15.95 -7.18
N TYR A 456 -18.02 16.24 -6.47
CA TYR A 456 -19.17 15.36 -6.40
C TYR A 456 -20.41 16.23 -6.32
N ASN A 457 -21.52 15.68 -6.80
CA ASN A 457 -22.74 16.47 -6.84
C ASN A 457 -23.41 16.46 -5.46
N GLY A 458 -24.45 17.30 -5.31
CA GLY A 458 -25.04 17.50 -4.00
C GLY A 458 -25.66 16.24 -3.42
N LEU A 459 -26.23 15.39 -4.28
CA LEU A 459 -26.86 14.17 -3.80
C LEU A 459 -25.80 13.20 -3.29
N ARG A 460 -24.72 13.07 -4.05
CA ARG A 460 -23.59 12.26 -3.61
C ARG A 460 -23.08 12.73 -2.26
N ALA A 461 -22.91 14.06 -2.11
CA ALA A 461 -22.44 14.67 -0.88
C ALA A 461 -23.25 14.21 0.31
N SER A 462 -24.57 14.21 0.18
CA SER A 462 -25.41 13.87 1.31
C SER A 462 -25.31 12.38 1.66
N LEU A 463 -24.87 11.54 0.72
CA LEU A 463 -24.83 10.09 0.89
C LEU A 463 -23.41 9.55 1.12
N LEU A 464 -22.46 10.41 1.45
CA LEU A 464 -21.14 9.90 1.80
C LEU A 464 -21.17 9.28 3.20
N ASP A 465 -20.28 8.31 3.41
CA ASP A 465 -20.05 7.80 4.76
C ASP A 465 -19.47 8.90 5.64
N ASP A 466 -19.77 8.83 6.94
CA ASP A 466 -19.27 9.87 7.83
C ASP A 466 -17.76 9.75 8.02
N TYR A 467 -17.24 8.54 8.10
CA TYR A 467 -15.80 8.32 8.25
C TYR A 467 -15.41 7.13 7.39
N GLN A 468 -14.14 7.09 7.02
CA GLN A 468 -13.60 5.89 6.39
C GLN A 468 -13.39 4.81 7.46
N LEU A 469 -13.73 3.57 7.12
CA LEU A 469 -13.47 2.47 8.04
C LEU A 469 -11.97 2.25 8.20
N PRO A 470 -11.50 1.92 9.41
CA PRO A 470 -10.09 1.55 9.58
C PRO A 470 -9.71 0.39 8.69
N GLU A 471 -8.41 0.32 8.37
CA GLU A 471 -7.90 -0.75 7.53
C GLU A 471 -8.23 -2.11 8.11
N ILE A 472 -8.21 -2.22 9.44
CA ILE A 472 -8.36 -3.49 10.12
C ILE A 472 -9.70 -4.14 9.77
N LEU A 473 -10.71 -3.34 9.42
CA LEU A 473 -12.03 -3.83 9.07
C LEU A 473 -12.23 -4.03 7.58
N ARG A 474 -11.27 -3.63 6.74
CA ARG A 474 -11.37 -3.73 5.29
C ARG A 474 -10.26 -4.56 4.66
N THR A 475 -9.04 -4.53 5.19
CA THR A 475 -7.95 -5.26 4.56
C THR A 475 -8.15 -6.76 4.76
N PRO A 476 -7.54 -7.58 3.91
CA PRO A 476 -7.29 -8.98 4.28
C PRO A 476 -6.10 -9.05 5.22
N LEU A 477 -6.12 -10.01 6.14
CA LEU A 477 -5.27 -9.92 7.32
C LEU A 477 -4.11 -10.91 7.34
N GLU A 478 -3.88 -11.63 6.23
CA GLU A 478 -2.82 -12.66 6.16
C GLU A 478 -1.46 -12.10 6.55
N GLU A 479 -1.09 -10.96 5.98
CA GLU A 479 0.18 -10.33 6.31
C GLU A 479 0.25 -9.99 7.80
N LEU A 480 -0.85 -9.46 8.34
CA LEU A 480 -0.90 -9.12 9.76
C LEU A 480 -0.77 -10.36 10.63
N CYS A 481 -1.48 -11.44 10.27
CA CYS A 481 -1.44 -12.67 11.04
C CYS A 481 -0.02 -13.22 11.17
N LEU A 482 0.77 -13.13 10.08
CA LEU A 482 2.17 -13.53 10.14
C LEU A 482 2.94 -12.66 11.12
N GLN A 483 2.68 -11.34 11.11
CA GLN A 483 3.38 -10.46 12.03
C GLN A 483 3.11 -10.85 13.48
N ILE A 484 1.85 -11.20 13.79
CA ILE A 484 1.50 -11.57 15.16
C ILE A 484 2.26 -12.81 15.59
N LYS A 485 2.40 -13.77 14.67
CA LYS A 485 3.11 -15.00 15.00
C LYS A 485 4.61 -14.76 15.10
N ILE A 486 5.17 -13.88 14.26
CA ILE A 486 6.60 -13.67 14.33
C ILE A 486 7.00 -12.93 15.61
N LEU A 487 6.09 -12.15 16.19
CA LEU A 487 6.37 -11.44 17.44
C LEU A 487 5.95 -12.24 18.67
N ARG A 488 5.47 -13.47 18.47
CA ARG A 488 5.12 -14.38 19.58
C ARG A 488 4.08 -13.74 20.49
N LEU A 489 3.06 -13.16 19.89
CA LEU A 489 2.00 -12.49 20.61
C LEU A 489 0.86 -13.42 21.04
N GLY A 490 0.93 -14.72 20.73
CA GLY A 490 -0.08 -15.67 21.18
C GLY A 490 -1.03 -16.14 20.09
N GLY A 491 -2.26 -16.47 20.48
CA GLY A 491 -3.25 -16.90 19.50
C GLY A 491 -3.67 -15.73 18.62
N ILE A 492 -3.64 -15.97 17.31
CA ILE A 492 -3.95 -14.93 16.32
C ILE A 492 -5.33 -14.34 16.57
N ALA A 493 -6.37 -15.18 16.54
CA ALA A 493 -7.73 -14.68 16.75
C ALA A 493 -7.86 -13.95 18.07
N TYR A 494 -7.32 -14.52 19.16
CA TYR A 494 -7.45 -13.84 20.46
C TYR A 494 -6.76 -12.49 20.45
N PHE A 495 -5.51 -12.43 19.97
CA PHE A 495 -4.80 -11.15 19.94
C PHE A 495 -5.56 -10.11 19.11
N LEU A 496 -5.99 -10.46 17.90
CA LEU A 496 -6.70 -9.51 17.04
C LEU A 496 -7.96 -8.96 17.73
N SER A 497 -8.62 -9.76 18.57
CA SER A 497 -9.81 -9.29 19.27
C SER A 497 -9.52 -8.21 20.30
N ARG A 498 -8.25 -8.01 20.66
CA ARG A 498 -7.86 -6.96 21.61
C ARG A 498 -7.53 -5.63 20.93
N LEU A 499 -7.46 -5.59 19.60
CA LEU A 499 -7.21 -4.34 18.88
C LEU A 499 -8.30 -3.33 19.19
N MET A 500 -7.96 -2.05 19.03
CA MET A 500 -8.90 -0.97 19.28
C MET A 500 -10.16 -1.09 18.41
N ASP A 501 -10.05 -1.65 17.20
CA ASP A 501 -11.20 -2.06 16.40
C ASP A 501 -10.94 -3.48 15.92
N PRO A 502 -11.43 -4.48 16.64
CA PRO A 502 -11.12 -5.86 16.29
C PRO A 502 -11.76 -6.23 14.95
N PRO A 503 -11.06 -6.96 14.09
CA PRO A 503 -11.67 -7.43 12.84
C PRO A 503 -12.77 -8.43 13.12
N SER A 504 -13.57 -8.71 12.10
CA SER A 504 -14.56 -9.76 12.18
C SER A 504 -13.88 -11.12 12.22
N ASN A 505 -14.47 -12.04 12.97
CA ASN A 505 -13.89 -13.38 13.08
C ASN A 505 -13.95 -14.13 11.76
N GLU A 506 -14.94 -13.84 10.91
CA GLU A 506 -14.97 -14.47 9.60
C GLU A 506 -13.74 -14.10 8.78
N ALA A 507 -13.34 -12.82 8.78
CA ALA A 507 -12.10 -12.41 8.11
C ALA A 507 -10.87 -13.05 8.76
N VAL A 508 -10.86 -13.22 10.09
CA VAL A 508 -9.72 -13.86 10.75
C VAL A 508 -9.60 -15.32 10.34
N VAL A 509 -10.73 -16.05 10.32
CA VAL A 509 -10.72 -17.48 10.00
C VAL A 509 -10.32 -17.70 8.54
N LEU A 510 -10.83 -16.87 7.62
CA LEU A 510 -10.41 -16.95 6.23
C LEU A 510 -8.91 -16.73 6.10
N SER A 511 -8.39 -15.69 6.78
CA SER A 511 -6.96 -15.37 6.68
C SER A 511 -6.09 -16.50 7.21
N ILE A 512 -6.45 -17.05 8.36
CA ILE A 512 -5.67 -18.15 8.92
C ILE A 512 -5.70 -19.34 7.98
N LYS A 513 -6.87 -19.64 7.42
CA LYS A 513 -7.02 -20.80 6.55
C LYS A 513 -6.20 -20.62 5.28
N HIS A 514 -6.24 -19.41 4.70
CA HIS A 514 -5.42 -19.15 3.54
C HIS A 514 -3.94 -19.36 3.84
N LEU A 515 -3.48 -18.88 5.00
CA LEU A 515 -2.07 -19.04 5.35
C LEU A 515 -1.70 -20.49 5.50
N MET A 516 -2.63 -21.30 6.01
CA MET A 516 -2.36 -22.74 6.11
C MET A 516 -2.30 -23.38 4.73
N GLU A 517 -3.15 -22.92 3.81
CA GLU A 517 -3.16 -23.47 2.46
C GLU A 517 -1.98 -22.96 1.66
N LEU A 518 -1.44 -21.79 2.02
CA LEU A 518 -0.17 -21.34 1.48
C LEU A 518 1.01 -22.12 2.04
N SER A 519 0.77 -22.99 3.04
CA SER A 519 1.83 -23.63 3.85
C SER A 519 2.72 -22.60 4.53
N ALA A 520 2.17 -21.42 4.87
CA ALA A 520 2.91 -20.48 5.71
C ALA A 520 2.71 -20.78 7.19
N LEU A 521 1.57 -21.36 7.57
CA LEU A 521 1.30 -21.88 8.91
C LEU A 521 1.02 -23.37 8.82
N ASP A 522 1.28 -24.09 9.91
CA ASP A 522 0.94 -25.50 10.01
C ASP A 522 -0.43 -25.65 10.68
N LYS A 523 -0.85 -26.90 10.90
CA LYS A 523 -2.21 -27.13 11.36
C LYS A 523 -2.45 -26.57 12.75
N GLN A 524 -1.39 -26.37 13.54
CA GLN A 524 -1.47 -25.74 14.85
C GLN A 524 -1.21 -24.24 14.81
N GLU A 525 -1.39 -23.60 13.64
CA GLU A 525 -1.27 -22.14 13.51
C GLU A 525 0.13 -21.64 13.91
N GLU A 526 1.15 -22.46 13.70
CA GLU A 526 2.52 -22.08 13.99
C GLU A 526 3.27 -21.83 12.68
N LEU A 527 4.27 -20.96 12.74
CA LEU A 527 4.98 -20.55 11.54
C LEU A 527 5.78 -21.70 10.96
N THR A 528 5.71 -21.86 9.62
CA THR A 528 6.65 -22.70 8.88
C THR A 528 7.87 -21.88 8.51
N PRO A 529 8.96 -22.54 8.10
CA PRO A 529 10.10 -21.78 7.56
C PRO A 529 9.71 -20.84 6.41
N LEU A 530 8.91 -21.34 5.47
CA LEU A 530 8.40 -20.47 4.40
C LEU A 530 7.67 -19.27 4.98
N GLY A 531 6.85 -19.49 6.01
CA GLY A 531 6.09 -18.41 6.60
C GLY A 531 6.98 -17.36 7.23
N VAL A 532 8.10 -17.79 7.81
CA VAL A 532 9.04 -16.82 8.36
C VAL A 532 9.54 -15.90 7.26
N HIS A 533 9.96 -16.49 6.14
CA HIS A 533 10.44 -15.66 5.04
C HIS A 533 9.34 -14.78 4.49
N LEU A 534 8.13 -15.33 4.37
CA LEU A 534 7.03 -14.50 3.90
C LEU A 534 6.80 -13.28 4.81
N ALA A 535 7.08 -13.40 6.11
CA ALA A 535 6.90 -12.24 7.00
C ALA A 535 7.86 -11.10 6.66
N ARG A 536 9.01 -11.40 6.06
CA ARG A 536 9.99 -10.38 5.77
C ARG A 536 9.73 -9.71 4.42
N LEU A 537 8.68 -10.11 3.71
CA LEU A 537 8.29 -9.49 2.43
C LEU A 537 7.07 -8.60 2.65
N PRO A 538 7.19 -7.29 2.49
CA PRO A 538 6.05 -6.42 2.83
C PRO A 538 4.95 -6.42 1.78
N VAL A 539 4.55 -7.62 1.33
CA VAL A 539 3.47 -7.83 0.37
C VAL A 539 2.56 -8.91 0.92
N GLU A 540 1.39 -9.01 0.29
CA GLU A 540 0.45 -10.09 0.60
C GLU A 540 1.18 -11.44 0.50
N PRO A 541 0.98 -12.33 1.48
CA PRO A 541 1.77 -13.58 1.51
C PRO A 541 1.66 -14.44 0.25
N HIS A 542 0.52 -14.41 -0.45
CA HIS A 542 0.47 -15.20 -1.68
C HIS A 542 1.36 -14.60 -2.77
N ILE A 543 1.42 -13.27 -2.84
CA ILE A 543 2.35 -12.61 -3.78
C ILE A 543 3.79 -12.85 -3.31
N GLY A 544 4.03 -12.86 -2.00
CA GLY A 544 5.36 -13.13 -1.51
C GLY A 544 5.84 -14.52 -1.86
N LYS A 545 4.93 -15.50 -1.86
CA LYS A 545 5.28 -16.86 -2.26
C LYS A 545 5.68 -16.93 -3.73
N MET A 546 4.90 -16.30 -4.61
CA MET A 546 5.30 -16.22 -6.01
C MET A 546 6.69 -15.64 -6.18
N ILE A 547 6.92 -14.43 -5.68
CA ILE A 547 8.17 -13.77 -6.01
C ILE A 547 9.35 -14.46 -5.34
N LEU A 548 9.12 -15.07 -4.17
CA LEU A 548 10.17 -15.84 -3.53
C LEU A 548 10.60 -17.03 -4.38
N PHE A 549 9.63 -17.78 -4.90
CA PHE A 549 10.00 -18.92 -5.73
C PHE A 549 10.47 -18.50 -7.12
N GLY A 550 10.05 -17.33 -7.60
CA GLY A 550 10.70 -16.74 -8.75
C GLY A 550 12.18 -16.51 -8.52
N ALA A 551 12.59 -16.22 -7.28
CA ALA A 551 14.02 -16.09 -6.98
C ALA A 551 14.70 -17.45 -6.86
N LEU A 552 14.09 -18.39 -6.10
CA LEU A 552 14.73 -19.69 -5.91
C LEU A 552 14.91 -20.46 -7.20
N PHE A 553 13.97 -20.33 -8.12
CA PHE A 553 13.99 -21.11 -9.36
C PHE A 553 14.60 -20.33 -10.52
N CYS A 554 15.02 -19.09 -10.30
CA CYS A 554 15.70 -18.31 -11.32
C CYS A 554 14.82 -18.07 -12.54
N CYS A 555 13.59 -17.63 -12.30
CA CYS A 555 12.72 -17.13 -13.35
C CYS A 555 12.18 -15.77 -12.97
N LEU A 556 13.06 -14.90 -12.46
CA LEU A 556 12.61 -13.74 -11.71
C LEU A 556 11.78 -12.78 -12.56
N ASP A 557 12.29 -12.39 -13.75
CA ASP A 557 11.66 -11.32 -14.50
C ASP A 557 10.22 -11.62 -14.92
N PRO A 558 9.93 -12.73 -15.61
CA PRO A 558 8.51 -12.98 -15.89
C PRO A 558 7.66 -13.16 -14.64
N VAL A 559 8.22 -13.73 -13.56
CA VAL A 559 7.42 -13.91 -12.35
C VAL A 559 7.06 -12.57 -11.73
N LEU A 560 8.03 -11.65 -11.67
CA LEU A 560 7.73 -10.34 -11.08
C LEU A 560 6.71 -9.59 -11.92
N THR A 561 6.82 -9.68 -13.26
CA THR A 561 5.79 -9.15 -14.14
C THR A 561 4.41 -9.66 -13.75
N ILE A 562 4.27 -10.98 -13.58
CA ILE A 562 2.97 -11.57 -13.24
C ILE A 562 2.54 -11.12 -11.86
N ALA A 563 3.47 -11.12 -10.90
CA ALA A 563 3.13 -10.69 -9.54
C ALA A 563 2.62 -9.26 -9.52
N ALA A 564 3.25 -8.39 -10.31
CA ALA A 564 2.83 -6.99 -10.34
C ALA A 564 1.43 -6.85 -10.92
N SER A 565 1.15 -7.55 -12.03
CA SER A 565 -0.18 -7.50 -12.61
C SER A 565 -1.23 -8.02 -11.64
N LEU A 566 -0.94 -9.10 -10.91
CA LEU A 566 -1.89 -9.59 -9.91
C LEU A 566 -2.07 -8.59 -8.76
N SER A 567 -0.99 -7.91 -8.35
CA SER A 567 -1.09 -6.93 -7.28
C SER A 567 -1.87 -5.70 -7.71
N PHE A 568 -1.70 -5.27 -8.97
CA PHE A 568 -2.30 -4.02 -9.40
C PHE A 568 -3.39 -4.28 -10.45
N LYS A 569 -3.03 -4.71 -11.65
CA LYS A 569 -4.01 -4.97 -12.70
C LYS A 569 -3.22 -5.37 -13.93
N ASP A 570 -3.90 -6.04 -14.87
CA ASP A 570 -3.29 -6.34 -16.15
C ASP A 570 -3.25 -5.09 -17.00
N PRO A 571 -2.42 -5.05 -18.05
CA PRO A 571 -2.33 -3.83 -18.86
C PRO A 571 -3.36 -3.73 -19.97
N PHE A 572 -4.23 -4.71 -20.16
CA PHE A 572 -5.13 -4.70 -21.30
C PHE A 572 -6.33 -3.78 -21.04
N VAL A 573 -6.72 -3.06 -22.09
CA VAL A 573 -7.91 -2.21 -22.05
C VAL A 573 -8.83 -2.65 -23.17
N ILE A 574 -10.13 -2.48 -22.95
CA ILE A 574 -11.13 -2.93 -23.90
C ILE A 574 -11.99 -1.76 -24.31
N PRO A 575 -11.65 -1.06 -25.40
CA PRO A 575 -12.49 0.05 -25.85
C PRO A 575 -13.87 -0.44 -26.23
N LEU A 576 -14.88 0.34 -25.84
CA LEU A 576 -16.27 -0.01 -26.10
C LEU A 576 -16.46 -0.24 -27.59
N GLY A 577 -17.06 -1.38 -27.93
CA GLY A 577 -17.29 -1.72 -29.33
C GLY A 577 -16.15 -2.39 -30.04
N LYS A 578 -15.03 -2.62 -29.37
CA LYS A 578 -13.88 -3.28 -29.98
C LYS A 578 -13.58 -4.61 -29.28
N GLU A 579 -14.60 -5.20 -28.65
CA GLU A 579 -14.41 -6.42 -27.87
C GLU A 579 -13.93 -7.57 -28.75
N LYS A 580 -14.53 -7.74 -29.92
CA LYS A 580 -14.18 -8.90 -30.74
C LYS A 580 -12.72 -8.85 -31.14
N ILE A 581 -12.21 -7.67 -31.45
CA ILE A 581 -10.84 -7.61 -31.93
C ILE A 581 -9.84 -7.51 -30.78
N ALA A 582 -10.23 -6.92 -29.66
CA ALA A 582 -9.35 -6.86 -28.50
C ALA A 582 -9.05 -8.27 -27.98
N ASP A 583 -10.08 -9.10 -27.89
CA ASP A 583 -9.86 -10.49 -27.51
C ASP A 583 -9.08 -11.23 -28.59
N ALA A 584 -9.20 -10.81 -29.84
CA ALA A 584 -8.41 -11.40 -30.89
C ALA A 584 -6.92 -11.17 -30.65
N ARG A 585 -6.54 -9.96 -30.28
CA ARG A 585 -5.14 -9.67 -30.02
C ARG A 585 -4.65 -10.38 -28.76
N ARG A 586 -5.47 -10.41 -27.72
CA ARG A 586 -5.08 -11.08 -26.48
C ARG A 586 -4.70 -12.54 -26.74
N LYS A 587 -5.55 -13.28 -27.44
CA LYS A 587 -5.25 -14.69 -27.65
C LYS A 587 -4.08 -14.87 -28.61
N GLU A 588 -3.82 -13.89 -29.47
CA GLU A 588 -2.60 -13.96 -30.28
C GLU A 588 -1.37 -13.88 -29.38
N LEU A 589 -1.38 -12.96 -28.43
CA LEU A 589 -0.33 -12.90 -27.43
C LEU A 589 -0.26 -14.15 -26.52
N ALA A 590 -1.32 -14.97 -26.47
CA ALA A 590 -1.28 -16.15 -25.60
C ALA A 590 -0.29 -17.19 -26.10
N LYS A 591 -0.27 -17.45 -27.41
CA LYS A 591 0.84 -18.19 -28.03
C LYS A 591 0.89 -19.65 -27.55
N GLU A 592 -0.27 -20.31 -27.52
CA GLU A 592 -0.36 -21.72 -27.11
C GLU A 592 -0.02 -21.94 -25.62
N THR A 593 -0.01 -20.90 -24.80
CA THR A 593 0.32 -21.11 -23.39
C THR A 593 -0.87 -21.49 -22.53
N ARG A 594 -2.10 -21.21 -22.99
CA ARG A 594 -3.29 -21.49 -22.18
C ARG A 594 -3.16 -20.82 -20.83
N SER A 595 -2.73 -19.56 -20.86
CA SER A 595 -2.43 -18.86 -19.61
C SER A 595 -2.63 -17.37 -19.80
N ASP A 596 -3.58 -16.80 -19.05
CA ASP A 596 -3.74 -15.36 -19.02
C ASP A 596 -2.53 -14.67 -18.39
N HIS A 597 -1.81 -15.38 -17.53
CA HIS A 597 -0.66 -14.76 -16.88
C HIS A 597 0.55 -14.74 -17.79
N LEU A 598 0.78 -15.81 -18.56
CA LEU A 598 1.86 -15.77 -19.51
C LEU A 598 1.56 -14.77 -20.61
N THR A 599 0.27 -14.54 -20.90
CA THR A 599 -0.12 -13.57 -21.90
C THR A 599 0.39 -12.19 -21.52
N VAL A 600 0.26 -11.82 -20.24
CA VAL A 600 0.81 -10.54 -19.81
C VAL A 600 2.32 -10.54 -19.99
N VAL A 601 2.99 -11.67 -19.74
CA VAL A 601 4.43 -11.71 -19.94
C VAL A 601 4.78 -11.43 -21.38
N ASN A 602 4.09 -12.10 -22.31
CA ASN A 602 4.40 -11.91 -23.72
C ASN A 602 4.14 -10.46 -24.13
N ALA A 603 3.02 -9.90 -23.69
CA ALA A 603 2.72 -8.50 -23.99
C ALA A 603 3.76 -7.57 -23.38
N PHE A 604 4.27 -7.91 -22.20
CA PHE A 604 5.24 -7.04 -21.54
C PHE A 604 6.59 -7.05 -22.25
N GLU A 605 7.05 -8.23 -22.66
CA GLU A 605 8.33 -8.31 -23.35
C GLU A 605 8.24 -7.63 -24.72
N GLY A 606 7.12 -7.81 -25.42
CA GLY A 606 6.89 -7.06 -26.65
C GLY A 606 6.92 -5.56 -26.44
N TRP A 607 6.44 -5.09 -25.29
CA TRP A 607 6.44 -3.66 -25.01
C TRP A 607 7.85 -3.14 -24.75
N GLU A 608 8.64 -3.88 -23.96
CA GLU A 608 10.00 -3.44 -23.66
C GLU A 608 10.81 -3.28 -24.94
N GLU A 609 10.68 -4.22 -25.88
CA GLU A 609 11.47 -4.15 -27.09
C GLU A 609 10.79 -3.35 -28.18
N ALA A 610 9.49 -3.07 -28.04
CA ALA A 610 8.88 -2.07 -28.91
C ALA A 610 9.38 -0.67 -28.56
N LYS A 611 9.53 -0.38 -27.25
CA LYS A 611 10.03 0.93 -26.87
C LYS A 611 11.53 1.07 -27.11
N ARG A 612 12.25 -0.05 -27.21
CA ARG A 612 13.66 0.04 -27.58
C ARG A 612 13.83 0.31 -29.08
N ARG A 613 12.87 -0.09 -29.92
CA ARG A 613 12.92 0.20 -31.35
C ARG A 613 12.59 1.65 -31.68
N GLY A 614 12.24 2.46 -30.68
CA GLY A 614 11.81 3.82 -30.94
C GLY A 614 10.43 4.05 -30.37
N PHE A 615 10.17 5.26 -29.89
CA PHE A 615 8.96 5.51 -29.13
C PHE A 615 7.74 5.72 -30.00
N ARG A 616 7.90 5.89 -31.30
CA ARG A 616 6.74 5.78 -32.16
C ARG A 616 6.33 4.32 -32.33
N TYR A 617 7.30 3.40 -32.26
CA TYR A 617 6.98 1.97 -32.28
C TYR A 617 6.27 1.53 -31.00
N GLU A 618 6.62 2.15 -29.86
CA GLU A 618 5.94 1.85 -28.61
C GLU A 618 4.48 2.27 -28.69
N LYS A 619 4.22 3.51 -29.13
CA LYS A 619 2.85 3.98 -29.23
C LYS A 619 2.04 3.13 -30.20
N ASP A 620 2.67 2.61 -31.26
CA ASP A 620 1.97 1.74 -32.20
C ASP A 620 1.60 0.42 -31.56
N TYR A 621 2.56 -0.19 -30.86
CA TYR A 621 2.36 -1.52 -30.29
C TYR A 621 1.27 -1.51 -29.21
N CYS A 622 1.33 -0.54 -28.30
CA CYS A 622 0.27 -0.42 -27.30
C CYS A 622 -1.10 -0.24 -27.92
N TRP A 623 -1.16 0.25 -29.16
CA TRP A 623 -2.40 0.58 -29.82
C TRP A 623 -2.95 -0.58 -30.64
N GLU A 624 -2.08 -1.35 -31.30
CA GLU A 624 -2.58 -2.51 -32.04
C GLU A 624 -2.92 -3.67 -31.11
N TYR A 625 -2.46 -3.64 -29.86
CA TYR A 625 -2.72 -4.74 -28.93
C TYR A 625 -3.55 -4.34 -27.72
N PHE A 626 -3.98 -3.08 -27.62
CA PHE A 626 -4.89 -2.62 -26.57
C PHE A 626 -4.28 -2.69 -25.18
N LEU A 627 -3.12 -2.03 -25.01
CA LEU A 627 -2.40 -1.97 -23.76
C LEU A 627 -2.21 -0.51 -23.34
N SER A 628 -2.52 -0.22 -22.08
CA SER A 628 -2.27 1.10 -21.50
C SER A 628 -0.81 1.17 -21.04
N SER A 629 -0.01 2.00 -21.71
CA SER A 629 1.38 2.16 -21.32
C SER A 629 1.49 2.72 -19.92
N ASN A 630 0.56 3.59 -19.51
CA ASN A 630 0.57 4.06 -18.13
C ASN A 630 0.44 2.91 -17.15
N THR A 631 -0.33 1.87 -17.50
CA THR A 631 -0.37 0.68 -16.65
C THR A 631 0.94 -0.07 -16.73
N LEU A 632 1.47 -0.28 -17.94
CA LEU A 632 2.75 -0.97 -18.11
C LEU A 632 3.86 -0.31 -17.31
N GLN A 633 3.96 1.02 -17.40
CA GLN A 633 5.04 1.72 -16.71
C GLN A 633 4.99 1.47 -15.20
N MET A 634 3.80 1.54 -14.60
CA MET A 634 3.70 1.29 -13.16
C MET A 634 4.00 -0.17 -12.83
N LEU A 635 3.67 -1.09 -13.73
CA LEU A 635 4.03 -2.49 -13.50
C LEU A 635 5.54 -2.64 -13.46
N HIS A 636 6.23 -2.03 -14.43
CA HIS A 636 7.69 -2.05 -14.46
C HIS A 636 8.27 -1.56 -13.12
N ASN A 637 7.77 -0.44 -12.62
CA ASN A 637 8.25 0.10 -11.34
C ASN A 637 7.93 -0.82 -10.17
N MET A 638 6.81 -1.53 -10.22
CA MET A 638 6.51 -2.48 -9.14
C MET A 638 7.52 -3.62 -9.15
N LYS A 639 7.97 -4.04 -10.35
CA LYS A 639 8.95 -5.11 -10.42
C LYS A 639 10.21 -4.77 -9.65
N GLY A 640 10.68 -3.53 -9.80
CA GLY A 640 11.90 -3.11 -9.11
C GLY A 640 11.73 -3.10 -7.61
N GLN A 641 10.56 -2.66 -7.14
CA GLN A 641 10.28 -2.71 -5.70
C GLN A 641 10.23 -4.15 -5.21
N PHE A 642 9.59 -5.06 -5.96
CA PHE A 642 9.58 -6.47 -5.58
C PHE A 642 11.00 -7.00 -5.45
N ALA A 643 11.85 -6.64 -6.41
CA ALA A 643 13.24 -7.09 -6.36
C ALA A 643 13.91 -6.58 -5.10
N GLU A 644 13.74 -5.29 -4.80
CA GLU A 644 14.36 -4.70 -3.60
C GLU A 644 13.95 -5.46 -2.33
N HIS A 645 12.67 -5.84 -2.22
CA HIS A 645 12.23 -6.67 -1.10
C HIS A 645 12.96 -8.00 -1.06
N LEU A 646 13.14 -8.62 -2.23
CA LEU A 646 13.89 -9.87 -2.27
C LEU A 646 15.34 -9.63 -1.91
N LEU A 647 15.88 -8.47 -2.27
CA LEU A 647 17.23 -8.10 -1.89
C LEU A 647 17.37 -8.01 -0.38
N GLY A 648 16.45 -7.27 0.27
CA GLY A 648 16.50 -7.12 1.71
C GLY A 648 16.31 -8.42 2.45
N ALA A 649 15.52 -9.34 1.87
CA ALA A 649 15.25 -10.64 2.47
C ALA A 649 16.31 -11.68 2.14
N GLY A 650 17.30 -11.32 1.32
CA GLY A 650 18.43 -12.19 1.02
C GLY A 650 18.24 -13.24 -0.06
N PHE A 651 17.18 -13.17 -0.85
CA PHE A 651 16.91 -14.22 -1.83
C PHE A 651 17.43 -13.87 -3.22
N VAL A 652 17.86 -12.64 -3.43
CA VAL A 652 18.32 -12.17 -4.73
C VAL A 652 19.54 -11.30 -4.49
N SER A 653 20.39 -11.19 -5.51
CA SER A 653 21.69 -10.53 -5.34
C SER A 653 21.72 -9.10 -5.85
N SER A 654 20.66 -8.62 -6.49
CA SER A 654 20.68 -7.32 -7.16
C SER A 654 19.24 -6.77 -7.18
N ARG A 655 19.13 -5.44 -7.18
CA ARG A 655 17.80 -4.82 -7.18
C ARG A 655 17.13 -4.88 -8.55
N SER A 656 17.74 -5.56 -9.52
CA SER A 656 17.33 -5.53 -10.90
C SER A 656 16.58 -6.80 -11.26
N PRO A 657 15.30 -6.71 -11.65
CA PRO A 657 14.55 -7.92 -11.99
C PRO A 657 15.09 -8.66 -13.21
N LYS A 658 16.00 -8.06 -13.97
CA LYS A 658 16.52 -8.67 -15.18
C LYS A 658 17.93 -9.20 -15.03
N ASP A 659 18.48 -9.20 -13.80
CA ASP A 659 19.79 -9.78 -13.52
C ASP A 659 19.91 -11.13 -14.21
N PRO A 660 20.94 -11.34 -15.04
CA PRO A 660 21.08 -12.65 -15.71
C PRO A 660 21.16 -13.81 -14.73
N LYS A 661 21.85 -13.66 -13.59
CA LYS A 661 22.04 -14.78 -12.68
C LYS A 661 20.72 -15.22 -12.04
N ALA A 662 19.70 -14.37 -12.03
CA ALA A 662 18.40 -14.73 -11.50
C ALA A 662 17.40 -15.12 -12.59
N ASN A 663 17.86 -15.29 -13.82
CA ASN A 663 16.92 -15.46 -14.93
C ASN A 663 17.28 -16.64 -15.82
N ILE A 664 18.12 -17.57 -15.35
CA ILE A 664 18.53 -18.67 -16.20
C ILE A 664 17.34 -19.52 -16.64
N ASN A 665 16.25 -19.52 -15.86
CA ASN A 665 15.07 -20.32 -16.19
C ASN A 665 13.88 -19.47 -16.65
N SER A 666 14.12 -18.20 -16.97
CA SER A 666 13.05 -17.25 -17.28
C SER A 666 12.41 -17.50 -18.64
N ASP A 667 12.90 -18.46 -19.41
CA ASP A 667 12.24 -18.84 -20.65
C ASP A 667 11.65 -20.24 -20.58
N ASN A 668 11.64 -20.87 -19.40
CA ASN A 668 11.06 -22.20 -19.26
C ASN A 668 9.61 -22.05 -18.79
N GLU A 669 8.68 -22.26 -19.73
CA GLU A 669 7.26 -22.13 -19.45
C GLU A 669 6.84 -23.06 -18.32
N LYS A 670 7.38 -24.28 -18.26
CA LYS A 670 7.00 -25.23 -17.21
C LYS A 670 7.32 -24.69 -15.83
N ILE A 671 8.53 -24.16 -15.66
CA ILE A 671 8.96 -23.66 -14.37
C ILE A 671 8.15 -22.44 -13.97
N ILE A 672 7.96 -21.51 -14.89
CA ILE A 672 7.16 -20.32 -14.60
C ILE A 672 5.79 -20.73 -14.08
N LYS A 673 5.14 -21.66 -14.78
CA LYS A 673 3.80 -22.08 -14.37
C LYS A 673 3.79 -22.75 -13.00
N ALA A 674 4.86 -23.46 -12.64
CA ALA A 674 4.91 -24.00 -11.28
C ALA A 674 4.94 -22.87 -10.25
N VAL A 675 5.64 -21.77 -10.56
CA VAL A 675 5.72 -20.66 -9.62
C VAL A 675 4.38 -19.93 -9.51
N ILE A 676 3.70 -19.70 -10.64
CA ILE A 676 2.34 -19.14 -10.59
C ILE A 676 1.46 -20.01 -9.71
N CYS A 677 1.65 -21.33 -9.79
CA CYS A 677 0.88 -22.26 -8.96
C CYS A 677 1.20 -22.06 -7.49
N ALA A 678 2.48 -21.88 -7.16
CA ALA A 678 2.89 -21.62 -5.78
C ALA A 678 2.15 -20.43 -5.19
N GLY A 679 2.00 -19.34 -5.95
CA GLY A 679 1.30 -18.18 -5.43
C GLY A 679 -0.22 -18.24 -5.46
N LEU A 680 -0.82 -19.06 -6.34
CA LEU A 680 -2.27 -19.01 -6.49
C LEU A 680 -3.01 -20.17 -5.85
N TYR A 681 -2.35 -21.31 -5.59
CA TYR A 681 -2.97 -22.40 -4.83
C TYR A 681 -3.48 -21.84 -3.51
N PRO A 682 -4.66 -22.27 -3.02
CA PRO A 682 -5.56 -23.34 -3.48
C PRO A 682 -6.63 -22.90 -4.50
N LYS A 683 -6.41 -21.85 -5.29
CA LYS A 683 -7.42 -21.47 -6.29
C LYS A 683 -7.20 -22.34 -7.53
N VAL A 684 -7.80 -23.53 -7.47
CA VAL A 684 -7.59 -24.61 -8.43
C VAL A 684 -8.95 -25.04 -8.99
N ALA A 685 -8.98 -25.39 -10.27
CA ALA A 685 -10.20 -25.94 -10.85
C ALA A 685 -9.89 -27.10 -11.81
N LYS A 686 -10.79 -28.06 -11.88
CA LYS A 686 -10.63 -29.19 -12.77
C LYS A 686 -11.44 -28.96 -14.03
N ILE A 687 -10.79 -29.10 -15.18
CA ILE A 687 -11.47 -28.89 -16.44
C ILE A 687 -12.40 -30.07 -16.71
N ARG A 688 -13.63 -29.76 -17.10
CA ARG A 688 -14.61 -30.79 -17.42
C ARG A 688 -14.29 -31.43 -18.77
N LEU A 689 -14.51 -32.75 -18.85
CA LEU A 689 -14.31 -33.47 -20.11
C LEU A 689 -15.17 -32.89 -21.22
N ASN A 690 -14.61 -32.83 -22.42
CA ASN A 690 -15.32 -32.34 -23.59
C ASN A 690 -15.22 -33.36 -24.72
N LEU A 691 -16.05 -33.15 -25.74
CA LEU A 691 -16.42 -34.20 -26.66
C LEU A 691 -16.16 -33.76 -28.11
N LYS A 696 -19.98 -27.63 -26.44
CA LYS A 696 -20.64 -26.41 -25.98
C LYS A 696 -19.78 -25.63 -24.98
N MET A 697 -20.41 -25.09 -23.92
CA MET A 697 -19.76 -24.19 -22.98
C MET A 697 -18.51 -24.82 -22.36
N VAL A 698 -17.60 -23.97 -21.90
CA VAL A 698 -16.43 -24.40 -21.16
C VAL A 698 -16.67 -24.14 -19.68
N LYS A 699 -16.66 -25.22 -18.87
CA LYS A 699 -16.90 -25.12 -17.44
C LYS A 699 -15.94 -26.01 -16.68
N VAL A 700 -15.75 -25.68 -15.42
CA VAL A 700 -14.75 -26.32 -14.59
C VAL A 700 -15.29 -26.50 -13.17
N HIS A 701 -14.81 -27.56 -12.50
CA HIS A 701 -15.20 -27.86 -11.13
C HIS A 701 -14.27 -27.13 -10.16
N THR A 702 -14.84 -26.57 -9.11
CA THR A 702 -14.04 -26.04 -8.01
C THR A 702 -14.30 -26.90 -6.78
N LYS A 703 -13.46 -26.72 -5.76
CA LYS A 703 -13.62 -27.47 -4.53
C LYS A 703 -15.01 -27.26 -3.92
N SER A 704 -15.44 -26.00 -3.81
CA SER A 704 -16.67 -25.76 -3.09
C SER A 704 -17.72 -24.99 -3.87
N ASP A 705 -17.30 -24.19 -4.85
CA ASP A 705 -18.27 -23.38 -5.58
C ASP A 705 -18.98 -24.14 -6.70
N GLY A 706 -18.73 -25.44 -6.85
CA GLY A 706 -19.40 -26.21 -7.89
C GLY A 706 -18.78 -26.03 -9.27
N LEU A 707 -19.61 -26.19 -10.29
CA LEU A 707 -19.24 -26.01 -11.69
C LEU A 707 -19.42 -24.54 -12.08
N VAL A 708 -18.32 -23.89 -12.48
CA VAL A 708 -18.32 -22.47 -12.80
C VAL A 708 -17.81 -22.27 -14.22
N SER A 709 -17.85 -21.03 -14.69
CA SER A 709 -17.54 -20.68 -16.06
C SER A 709 -16.25 -19.86 -16.16
N ILE A 710 -15.75 -19.71 -17.39
CA ILE A 710 -14.56 -18.89 -17.66
C ILE A 710 -15.00 -17.50 -18.08
N HIS A 711 -14.35 -16.49 -17.49
CA HIS A 711 -14.62 -15.08 -17.77
C HIS A 711 -14.38 -14.80 -19.27
N PRO A 712 -15.21 -13.96 -19.90
CA PRO A 712 -15.06 -13.75 -21.35
C PRO A 712 -13.77 -13.02 -21.73
N LYS A 713 -13.12 -12.32 -20.80
CA LYS A 713 -11.85 -11.67 -21.09
C LYS A 713 -10.69 -12.65 -21.12
N SER A 714 -10.85 -13.84 -20.56
CA SER A 714 -9.76 -14.80 -20.46
C SER A 714 -9.43 -15.43 -21.80
N VAL A 715 -8.12 -15.65 -22.01
CA VAL A 715 -7.71 -16.24 -23.29
C VAL A 715 -8.15 -17.68 -23.43
N ASN A 716 -8.67 -18.29 -22.36
CA ASN A 716 -9.13 -19.67 -22.36
C ASN A 716 -10.64 -19.81 -22.48
N VAL A 717 -11.39 -18.69 -22.60
CA VAL A 717 -12.85 -18.73 -22.42
C VAL A 717 -13.54 -19.63 -23.45
N GLU A 718 -12.95 -19.81 -24.63
CA GLU A 718 -13.51 -20.70 -25.64
C GLU A 718 -12.46 -21.69 -26.12
N GLN A 719 -11.55 -22.04 -25.23
CA GLN A 719 -10.48 -22.98 -25.55
C GLN A 719 -10.97 -24.40 -25.32
N THR A 720 -10.85 -25.24 -26.33
CA THR A 720 -11.40 -26.58 -26.23
C THR A 720 -10.35 -27.68 -26.12
N ASP A 721 -9.10 -27.43 -26.51
CA ASP A 721 -8.05 -28.44 -26.37
C ASP A 721 -7.00 -28.00 -25.35
N PHE A 722 -7.29 -28.28 -24.08
CA PHE A 722 -6.31 -28.18 -23.01
C PHE A 722 -5.43 -29.42 -22.99
N HIS A 723 -4.25 -29.28 -22.40
CA HIS A 723 -3.31 -30.37 -22.35
C HIS A 723 -3.18 -30.95 -20.95
N TYR A 724 -3.81 -30.33 -19.96
CA TYR A 724 -3.90 -30.86 -18.61
C TYR A 724 -5.32 -30.59 -18.11
N ASN A 725 -5.70 -31.30 -17.06
CA ASN A 725 -7.05 -31.20 -16.51
C ASN A 725 -7.21 -30.09 -15.49
N TRP A 726 -6.21 -29.26 -15.28
CA TRP A 726 -6.20 -28.43 -14.09
C TRP A 726 -5.83 -27.02 -14.47
N LEU A 727 -6.47 -26.04 -13.84
CA LEU A 727 -6.00 -24.67 -13.99
C LEU A 727 -6.05 -23.96 -12.65
N ILE A 728 -5.19 -22.96 -12.51
CA ILE A 728 -5.19 -22.09 -11.35
C ILE A 728 -5.76 -20.75 -11.78
N TYR A 729 -6.35 -20.04 -10.83
CA TYR A 729 -6.94 -18.75 -11.15
C TYR A 729 -6.62 -17.77 -10.04
N HIS A 730 -6.93 -16.50 -10.30
CA HIS A 730 -6.79 -15.48 -9.28
C HIS A 730 -8.11 -14.89 -8.80
N LEU A 731 -9.03 -14.57 -9.71
CA LEU A 731 -10.25 -13.88 -9.34
C LEU A 731 -11.44 -14.69 -9.85
N LYS A 732 -12.34 -15.03 -8.92
CA LYS A 732 -13.66 -15.56 -9.26
C LYS A 732 -14.68 -14.46 -9.00
N MET A 733 -15.60 -14.30 -9.93
CA MET A 733 -16.60 -13.26 -9.82
C MET A 733 -17.97 -13.89 -9.91
N ARG A 734 -18.93 -13.29 -9.22
CA ARG A 734 -20.30 -13.78 -9.21
C ARG A 734 -21.21 -12.69 -9.76
N THR A 735 -21.83 -12.93 -10.91
CA THR A 735 -22.86 -12.03 -11.43
C THR A 735 -24.22 -12.73 -11.48
N SER A 736 -24.38 -13.72 -12.36
CA SER A 736 -25.52 -14.62 -12.36
C SER A 736 -25.08 -16.04 -12.07
N SER A 737 -23.88 -16.39 -12.48
CA SER A 737 -23.16 -17.56 -12.05
C SER A 737 -21.72 -17.11 -11.79
N ILE A 738 -20.86 -18.04 -11.44
CA ILE A 738 -19.48 -17.76 -11.11
C ILE A 738 -18.63 -17.82 -12.38
N TYR A 739 -17.63 -16.92 -12.47
CA TYR A 739 -16.73 -16.81 -13.61
C TYR A 739 -15.30 -16.67 -13.11
N LEU A 740 -14.38 -17.41 -13.73
CA LEU A 740 -12.96 -17.32 -13.38
C LEU A 740 -12.30 -16.27 -14.29
N TYR A 741 -11.79 -15.20 -13.69
CA TYR A 741 -11.32 -14.05 -14.45
C TYR A 741 -10.05 -14.39 -15.26
N ASP A 742 -9.00 -14.86 -14.58
CA ASP A 742 -7.71 -15.14 -15.21
C ASP A 742 -7.25 -16.53 -14.79
N CYS A 743 -7.06 -17.41 -15.76
CA CYS A 743 -6.71 -18.77 -15.39
C CYS A 743 -5.52 -19.23 -16.23
N THR A 744 -4.82 -20.25 -15.71
CA THR A 744 -3.61 -20.78 -16.31
C THR A 744 -3.63 -22.30 -16.17
N GLU A 745 -3.52 -23.02 -17.29
CA GLU A 745 -3.44 -24.48 -17.25
C GLU A 745 -2.11 -24.94 -16.67
N VAL A 746 -2.15 -25.88 -15.73
CA VAL A 746 -0.96 -26.37 -15.05
C VAL A 746 -0.97 -27.89 -14.93
N SER A 747 0.22 -28.45 -14.75
CA SER A 747 0.38 -29.89 -14.58
C SER A 747 -0.01 -30.33 -13.16
N PRO A 748 -0.56 -31.54 -13.01
CA PRO A 748 -0.80 -32.05 -11.65
C PRO A 748 0.42 -32.02 -10.77
N TYR A 749 1.62 -32.11 -11.34
CA TYR A 749 2.83 -32.11 -10.53
C TYR A 749 3.10 -30.74 -9.92
N CYS A 750 2.57 -29.67 -10.51
CA CYS A 750 2.61 -28.36 -9.83
C CYS A 750 1.75 -28.39 -8.57
N LEU A 751 0.50 -28.84 -8.68
CA LEU A 751 -0.37 -28.93 -7.51
C LEU A 751 0.18 -29.89 -6.48
N LEU A 752 0.78 -30.99 -6.93
CA LEU A 752 1.26 -31.99 -5.99
C LEU A 752 2.35 -31.40 -5.10
N PHE A 753 3.18 -30.53 -5.66
CA PHE A 753 4.29 -30.04 -4.87
C PHE A 753 3.89 -28.86 -4.01
N PHE A 754 3.22 -27.86 -4.59
CA PHE A 754 2.90 -26.61 -3.90
C PHE A 754 1.55 -26.62 -3.21
N GLY A 755 0.84 -27.74 -3.22
CA GLY A 755 -0.52 -27.81 -2.71
C GLY A 755 -0.60 -28.25 -1.25
N GLY A 756 -1.72 -28.86 -0.89
CA GLY A 756 -2.01 -29.26 0.46
C GLY A 756 -1.57 -30.68 0.77
N ASP A 757 -2.28 -31.30 1.69
CA ASP A 757 -1.85 -32.61 2.18
C ASP A 757 -1.95 -33.63 1.06
N ILE A 758 -0.98 -34.52 1.03
CA ILE A 758 -0.86 -35.54 0.00
C ILE A 758 -1.34 -36.85 0.59
N SER A 759 -2.17 -37.56 -0.16
CA SER A 759 -2.64 -38.85 0.28
C SER A 759 -2.68 -39.78 -0.93
N ILE A 760 -2.41 -41.05 -0.66
CA ILE A 760 -2.40 -42.09 -1.67
C ILE A 760 -3.65 -42.93 -1.45
N GLN A 761 -4.32 -43.29 -2.54
CA GLN A 761 -5.31 -44.33 -2.48
C GLN A 761 -4.99 -45.38 -3.52
N LYS A 762 -5.34 -46.61 -3.20
CA LYS A 762 -5.04 -47.68 -4.12
C LYS A 762 -6.17 -48.67 -4.14
N ASP A 763 -6.34 -49.27 -5.31
CA ASP A 763 -7.22 -50.39 -5.55
C ASP A 763 -6.61 -51.20 -6.68
N LYS A 764 -7.46 -52.00 -7.39
CA LYS A 764 -7.01 -52.87 -8.49
C LYS A 764 -6.63 -52.03 -9.69
N ASP A 765 -7.34 -50.93 -9.97
CA ASP A 765 -7.14 -50.19 -11.22
C ASP A 765 -5.87 -49.38 -11.19
N GLN A 766 -5.74 -48.59 -10.15
CA GLN A 766 -5.25 -47.24 -10.29
C GLN A 766 -4.55 -46.91 -9.01
N GLU A 767 -3.36 -46.39 -9.14
CA GLU A 767 -2.68 -45.74 -8.06
C GLU A 767 -3.01 -44.28 -8.28
N ILE A 768 -3.75 -43.70 -7.36
CA ILE A 768 -4.08 -42.28 -7.43
C ILE A 768 -3.43 -41.58 -6.26
N ILE A 769 -3.01 -40.36 -6.50
CA ILE A 769 -2.57 -39.44 -5.48
C ILE A 769 -3.67 -38.42 -5.35
N ALA A 770 -3.97 -38.01 -4.13
CA ALA A 770 -4.95 -36.96 -3.88
C ALA A 770 -4.27 -35.82 -3.15
N VAL A 771 -4.59 -34.59 -3.57
CA VAL A 771 -4.10 -33.37 -2.94
C VAL A 771 -5.31 -32.68 -2.33
N ASP A 772 -5.21 -32.36 -1.02
CA ASP A 772 -6.32 -31.80 -0.25
C ASP A 772 -7.58 -32.64 -0.40
N GLU A 773 -7.39 -33.92 -0.72
CA GLU A 773 -8.37 -34.99 -0.84
C GLU A 773 -9.30 -34.87 -2.06
N TRP A 774 -9.41 -33.69 -2.65
CA TRP A 774 -10.29 -33.52 -3.79
C TRP A 774 -9.56 -33.35 -5.11
N ILE A 775 -8.32 -32.89 -5.10
CA ILE A 775 -7.51 -32.89 -6.31
C ILE A 775 -6.96 -34.31 -6.48
N VAL A 776 -7.48 -35.05 -7.44
CA VAL A 776 -7.18 -36.47 -7.55
C VAL A 776 -6.71 -36.77 -8.96
N PHE A 777 -5.60 -37.50 -9.08
CA PHE A 777 -5.09 -37.86 -10.41
C PHE A 777 -4.28 -39.13 -10.30
N GLN A 778 -4.10 -39.79 -11.44
CA GLN A 778 -3.39 -41.07 -11.51
C GLN A 778 -1.90 -40.82 -11.61
N SER A 779 -1.16 -41.38 -10.66
CA SER A 779 0.30 -41.27 -10.61
C SER A 779 0.80 -42.41 -9.73
N PRO A 780 1.99 -42.93 -9.98
CA PRO A 780 2.48 -44.03 -9.15
C PRO A 780 2.72 -43.57 -7.73
N GLU A 781 2.63 -44.52 -6.80
CA GLU A 781 2.87 -44.23 -5.39
C GLU A 781 4.24 -43.60 -5.17
N ARG A 782 5.24 -43.98 -5.98
CA ARG A 782 6.61 -43.51 -5.81
C ARG A 782 6.69 -41.97 -5.87
N ILE A 783 5.88 -41.34 -6.72
CA ILE A 783 5.92 -39.90 -6.86
C ILE A 783 5.41 -39.23 -5.59
N ALA A 784 4.44 -39.84 -4.92
CA ALA A 784 3.92 -39.26 -3.69
C ALA A 784 4.99 -39.20 -2.61
N HIS A 785 5.72 -40.30 -2.42
CA HIS A 785 6.79 -40.29 -1.41
C HIS A 785 7.89 -39.33 -1.81
N LEU A 786 8.28 -39.34 -3.09
CA LEU A 786 9.31 -38.43 -3.58
C LEU A 786 8.95 -36.98 -3.31
N VAL A 787 7.70 -36.60 -3.54
CA VAL A 787 7.27 -35.22 -3.29
C VAL A 787 7.23 -34.93 -1.79
N LYS A 788 6.72 -35.86 -0.99
CA LYS A 788 6.76 -35.64 0.45
C LYS A 788 8.19 -35.38 0.88
N GLY A 789 9.14 -36.15 0.35
CA GLY A 789 10.55 -35.95 0.70
C GLY A 789 11.07 -34.58 0.28
N LEU A 790 10.87 -34.20 -0.98
CA LEU A 790 11.38 -32.91 -1.44
C LEU A 790 10.79 -31.75 -0.66
N ARG A 791 9.51 -31.84 -0.27
CA ARG A 791 8.93 -30.82 0.61
C ARG A 791 9.72 -30.68 1.89
N LYS A 792 10.12 -31.80 2.50
CA LYS A 792 10.91 -31.72 3.72
C LYS A 792 12.28 -31.12 3.45
N GLU A 793 12.94 -31.55 2.38
CA GLU A 793 14.26 -31.02 2.03
C GLU A 793 14.19 -29.52 1.75
N LEU A 794 13.08 -29.04 1.16
CA LEU A 794 12.93 -27.62 0.94
C LEU A 794 12.71 -26.87 2.24
N ASP A 795 11.98 -27.49 3.18
CA ASP A 795 11.80 -26.90 4.51
C ASP A 795 13.13 -26.64 5.20
N SER A 796 14.04 -27.63 5.19
CA SER A 796 15.36 -27.47 5.78
C SER A 796 16.15 -26.37 5.07
N LEU A 797 16.08 -26.32 3.73
CA LEU A 797 16.78 -25.28 2.99
C LEU A 797 16.28 -23.89 3.42
N LEU A 798 14.96 -23.73 3.49
CA LEU A 798 14.41 -22.46 3.96
C LEU A 798 14.72 -22.21 5.43
N GLN A 799 14.62 -23.25 6.25
CA GLN A 799 14.98 -23.12 7.66
C GLN A 799 16.42 -22.64 7.82
N GLU A 800 17.36 -23.22 7.05
CA GLU A 800 18.73 -22.79 7.27
C GLU A 800 18.95 -21.36 6.78
N LYS A 801 18.15 -20.88 5.85
CA LYS A 801 18.27 -19.51 5.37
C LYS A 801 17.64 -18.49 6.30
N ILE A 802 17.09 -18.89 7.45
CA ILE A 802 16.40 -17.94 8.32
C ILE A 802 17.39 -17.01 9.04
N GLU A 803 18.54 -17.53 9.46
CA GLU A 803 19.59 -16.70 10.03
C GLU A 803 20.59 -16.34 8.94
N SER A 804 20.82 -15.04 8.76
CA SER A 804 21.66 -14.52 7.68
C SER A 804 21.27 -15.16 6.35
N PRO A 805 20.12 -14.81 5.79
CA PRO A 805 19.77 -15.32 4.45
C PRO A 805 20.70 -14.80 3.35
N HIS A 806 21.07 -15.69 2.43
CA HIS A 806 21.87 -15.34 1.27
C HIS A 806 21.36 -16.07 0.02
N PRO A 807 21.43 -15.44 -1.16
CA PRO A 807 20.76 -16.02 -2.33
C PRO A 807 21.40 -17.34 -2.74
N VAL A 808 20.59 -18.17 -3.39
CA VAL A 808 21.06 -19.44 -3.91
C VAL A 808 22.06 -19.18 -5.03
N ASP A 809 23.20 -19.86 -4.97
CA ASP A 809 24.22 -19.79 -6.01
C ASP A 809 24.00 -20.96 -6.96
N TRP A 810 23.39 -20.67 -8.11
CA TRP A 810 23.16 -21.64 -9.18
C TRP A 810 24.40 -21.90 -10.04
N ASP A 811 25.48 -21.15 -9.84
CA ASP A 811 26.73 -21.44 -10.54
C ASP A 811 27.56 -22.48 -9.82
N ASP A 812 27.26 -22.74 -8.55
CA ASP A 812 27.82 -23.84 -7.80
C ASP A 812 26.91 -25.04 -8.01
N THR A 813 27.25 -25.85 -9.01
CA THR A 813 26.37 -26.94 -9.42
C THR A 813 26.22 -27.98 -8.33
N LYS A 814 27.30 -28.23 -7.58
CA LYS A 814 27.33 -29.26 -6.55
C LYS A 814 26.77 -28.78 -5.21
N SER A 815 26.16 -27.59 -5.19
CA SER A 815 25.45 -27.11 -4.00
C SER A 815 24.33 -28.07 -3.60
N ARG A 816 24.22 -28.33 -2.29
CA ARG A 816 23.09 -29.13 -1.81
C ARG A 816 21.77 -28.44 -2.10
N ASP A 817 21.72 -27.11 -1.90
CA ASP A 817 20.52 -26.35 -2.25
C ASP A 817 20.24 -26.46 -3.75
N CYS A 818 21.28 -26.41 -4.58
CA CYS A 818 21.07 -26.61 -6.02
C CYS A 818 20.55 -28.00 -6.30
N ALA A 819 21.03 -29.00 -5.56
CA ALA A 819 20.59 -30.37 -5.78
C ALA A 819 19.11 -30.53 -5.43
N VAL A 820 18.71 -29.96 -4.29
CA VAL A 820 17.31 -30.05 -3.88
C VAL A 820 16.42 -29.24 -4.81
N LEU A 821 16.83 -28.03 -5.16
CA LEU A 821 16.00 -27.20 -6.03
C LEU A 821 15.90 -27.80 -7.43
N SER A 822 17.02 -28.36 -7.95
CA SER A 822 16.98 -29.04 -9.25
C SER A 822 16.10 -30.29 -9.22
N ALA A 823 16.04 -30.98 -8.10
CA ALA A 823 15.11 -32.09 -7.98
C ALA A 823 13.67 -31.60 -8.05
N ILE A 824 13.37 -30.53 -7.32
CA ILE A 824 12.01 -30.00 -7.37
C ILE A 824 11.68 -29.54 -8.79
N LEU A 825 12.63 -28.84 -9.44
CA LEU A 825 12.40 -28.39 -10.80
C LEU A 825 12.19 -29.57 -11.73
N ASP A 826 12.95 -30.65 -11.53
CA ASP A 826 12.78 -31.81 -12.37
C ASP A 826 11.38 -32.40 -12.19
N LEU A 827 10.91 -32.45 -10.95
CA LEU A 827 9.59 -32.99 -10.70
C LEU A 827 8.49 -32.18 -11.38
N ILE A 828 8.58 -30.84 -11.37
CA ILE A 828 7.45 -30.08 -11.91
C ILE A 828 7.44 -30.11 -13.43
N LYS A 829 8.58 -30.30 -14.07
CA LYS A 829 8.62 -30.44 -15.52
C LYS A 829 8.10 -31.79 -16.00
N THR A 830 7.75 -32.71 -15.11
CA THR A 830 7.37 -34.06 -15.53
C THR A 830 6.16 -34.07 -16.47
#